data_6OZ9
#
_entry.id   6OZ9
#
_cell.length_a   217.970
_cell.length_b   217.970
_cell.length_c   217.970
_cell.angle_alpha   90.00
_cell.angle_beta   90.00
_cell.angle_gamma   90.00
#
_symmetry.space_group_name_H-M   'P 41 3 2'
#
loop_
_entity.id
_entity.type
_entity.pdbx_description
1 polymer 'Small secreted glycoprotein sGP'
2 polymer 'Envelope glycoprotein'
3 polymer 'EBOV-520 Fab light chain'
4 polymer 'EBOV-520 Fab heavy chain'
5 branched beta-D-mannopyranose-(1-4)-2-acetamido-2-deoxy-beta-D-glucopyranose-(1-4)-2-acetamido-2-deoxy-beta-D-glucopyranose
6 non-polymer GLYCEROL
#
loop_
_entity_poly.entity_id
_entity_poly.type
_entity_poly.pdbx_seq_one_letter_code
_entity_poly.pdbx_strand_id
1 'polypeptide(L)'
;RSIPLGVIHNSTLQVSDVDKLVCRDKLSSTNQLRSVGLNLEGNGVATDVPSATKRWGFRSGVPPKVVNYEAGEWAENCYN
LEIKKPDGSECLPAAPDGIRGFPRCRYVHKVSGTGPCAGDFAFHKEGAFFLYDRLASTVIYRGTTFAEGVVAFLILPQ
;
A
2 'polypeptide(L)'
;AIVNAQPKCNPNLHYWTTQDEGAAIGLAWIPYFGPAAEGIYTEGLMHNQDGLICGLRQLANETTQALQLFLRATTELRTF
SILNRKAIDFLLQRWGGTCHILGPDCCIEPHDW
;
B
3 'polypeptide(L)'
;EIVLTQSPGTLSLSPGERATLSCRASQSVSSSYFAWYQQKPGQAPRLLISGTSTRAPGIPDRFSGSGSGTDFTLTISRLE
PEDFAVYFCQQYGNSLYTFGQGTKLEIKRTAAAPSVFIFPPSDEQLKSGTASVVCLLNNFYPREAKVQWKVDNALQSGNS
QESVTEQDSKDSTYSLSSTLTLSKADYEKHKVYACEVTHQGLSSPVTKSFNRGEC
;
L
4 'polypeptide(L)'
;QVQLQESGPGLGKPSETLSLSCTVSGASIRGYFWNWIRQPPGKGLEWIGYIHSTGSTNYNPSLKSRVTISVDTSKNQVSL
NVNSVTAADTAVYFCARGAWNVATVYYYYGMDVWGQGTLVTVSSASFKGPSVFPLAPSSKSTSGGTAALGCLVKDYFPEP
VTVSWNSGALTSGVHTFPAVLQSSGLYSLSSVVTVPSSSLGTQTYICNVNHKPSNTKVDKKVEPKSC
;
H
#
loop_
_chem_comp.id
_chem_comp.type
_chem_comp.name
_chem_comp.formula
BMA D-saccharide, beta linking beta-D-mannopyranose 'C6 H12 O6'
GOL non-polymer GLYCEROL 'C3 H8 O3'
NAG D-saccharide, beta linking 2-acetamido-2-deoxy-beta-D-glucopyranose 'C8 H15 N O6'
#
# COMPACT_ATOMS: atom_id res chain seq x y z
N ARG A 1 -8.45 27.19 34.12
CA ARG A 1 -9.08 26.04 34.75
C ARG A 1 -8.02 25.20 35.48
N SER A 2 -7.69 24.03 34.95
CA SER A 2 -6.73 23.12 35.56
C SER A 2 -6.15 22.21 34.49
N ILE A 3 -4.83 22.02 34.51
CA ILE A 3 -4.14 21.19 33.52
C ILE A 3 -4.57 19.75 33.69
N PRO A 4 -5.24 19.15 32.71
CA PRO A 4 -5.76 17.79 32.88
C PRO A 4 -4.65 16.76 32.96
N LEU A 5 -4.80 15.82 33.88
CA LEU A 5 -3.87 14.72 34.07
C LEU A 5 -4.56 13.41 33.69
N GLY A 6 -3.91 12.64 32.82
CA GLY A 6 -4.48 11.40 32.32
C GLY A 6 -3.85 10.19 32.99
N VAL A 7 -4.69 9.24 33.39
CA VAL A 7 -4.26 8.02 34.05
C VAL A 7 -4.42 6.86 33.10
N ILE A 8 -3.40 6.01 33.00
CA ILE A 8 -3.41 4.84 32.13
C ILE A 8 -3.32 3.60 32.99
N HIS A 9 -4.37 2.78 32.95
CA HIS A 9 -4.44 1.53 33.73
C HIS A 9 -4.92 0.43 32.81
N ASN A 10 -4.05 -0.57 32.57
CA ASN A 10 -4.40 -1.74 31.78
C ASN A 10 -4.89 -1.33 30.39
N SER A 11 -4.18 -0.41 29.77
CA SER A 11 -4.50 0.11 28.43
C SER A 11 -5.86 0.80 28.41
N THR A 12 -6.18 1.53 29.48
CA THR A 12 -7.40 2.32 29.57
C THR A 12 -7.04 3.71 30.04
N LEU A 13 -7.41 4.72 29.26
CA LEU A 13 -7.10 6.12 29.57
C LEU A 13 -8.31 6.81 30.16
N GLN A 14 -8.13 7.38 31.36
CA GLN A 14 -9.16 8.17 32.03
C GLN A 14 -8.56 9.48 32.50
N VAL A 15 -9.34 10.55 32.44
CA VAL A 15 -8.89 11.85 32.92
C VAL A 15 -9.13 11.93 34.41
N SER A 16 -8.08 12.30 35.15
CA SER A 16 -8.20 12.45 36.60
C SER A 16 -9.10 13.62 36.94
N ASP A 17 -10.04 13.39 37.85
CA ASP A 17 -10.93 14.44 38.32
C ASP A 17 -10.29 15.13 39.52
N VAL A 18 -10.24 16.46 39.47
CA VAL A 18 -9.58 17.22 40.54
C VAL A 18 -10.38 17.11 41.84
N ASP A 19 -11.68 16.88 41.75
CA ASP A 19 -12.52 16.78 42.94
C ASP A 19 -12.67 15.35 43.44
N LYS A 20 -12.70 14.37 42.54
CA LYS A 20 -12.89 12.98 42.93
C LYS A 20 -11.55 12.33 43.24
N LEU A 21 -11.45 11.76 44.44
CA LEU A 21 -10.24 11.08 44.88
C LEU A 21 -10.36 9.59 44.60
N VAL A 22 -9.49 9.08 43.76
CA VAL A 22 -9.47 7.67 43.39
C VAL A 22 -8.22 7.06 44.03
N CYS A 23 -8.41 6.31 45.12
CA CYS A 23 -7.28 5.72 45.81
C CYS A 23 -6.58 4.66 44.98
N ARG A 24 -7.23 4.14 43.93
CA ARG A 24 -6.64 3.06 43.16
C ARG A 24 -5.49 3.58 42.29
N ASP A 25 -5.56 4.84 41.87
CA ASP A 25 -4.48 5.46 41.12
C ASP A 25 -3.23 5.55 42.00
N LYS A 26 -2.15 4.92 41.56
CA LYS A 26 -0.92 4.83 42.34
C LYS A 26 0.22 5.54 41.63
N LEU A 27 0.98 6.34 42.39
CA LEU A 27 2.17 7.02 41.91
C LEU A 27 3.33 6.65 42.83
N SER A 28 4.10 5.64 42.44
CA SER A 28 5.20 5.16 43.28
C SER A 28 6.46 6.00 43.13
N SER A 29 6.68 6.60 41.97
CA SER A 29 7.85 7.44 41.74
C SER A 29 7.54 8.41 40.60
N THR A 30 8.35 9.47 40.53
CA THR A 30 8.15 10.50 39.52
C THR A 30 8.37 10.00 38.10
N ASN A 31 9.08 8.87 37.94
CA ASN A 31 9.28 8.31 36.60
C ASN A 31 7.98 7.85 35.96
N GLN A 32 6.92 7.65 36.75
CA GLN A 32 5.62 7.31 36.20
C GLN A 32 4.89 8.51 35.60
N LEU A 33 5.37 9.73 35.83
CA LEU A 33 4.77 10.92 35.27
C LEU A 33 5.50 11.31 34.00
N ARG A 34 4.78 11.34 32.89
CA ARG A 34 5.37 11.62 31.58
C ARG A 34 4.60 12.74 30.91
N SER A 35 5.33 13.59 30.20
CA SER A 35 4.74 14.62 29.35
C SER A 35 5.04 14.28 27.90
N VAL A 36 4.00 14.22 27.07
CA VAL A 36 4.09 13.76 25.70
C VAL A 36 3.75 14.91 24.76
N GLY A 37 4.50 15.02 23.68
CA GLY A 37 4.18 15.98 22.63
C GLY A 37 3.67 15.28 21.38
N LEU A 38 2.37 15.35 21.14
CA LEU A 38 1.74 14.71 20.01
C LEU A 38 1.57 15.71 18.87
N ASN A 39 2.05 15.34 17.68
CA ASN A 39 2.06 16.26 16.55
C ASN A 39 0.67 16.42 15.95
N LEU A 40 0.46 17.58 15.31
CA LEU A 40 -0.84 17.88 14.73
C LEU A 40 -1.16 17.02 13.51
N GLU A 41 -0.15 16.52 12.81
CA GLU A 41 -0.42 15.68 11.65
C GLU A 41 -1.15 14.39 12.05
N GLY A 42 -0.97 13.95 13.30
CA GLY A 42 -1.75 12.82 13.78
C GLY A 42 -3.24 13.10 13.79
N ASN A 43 -3.62 14.37 13.98
CA ASN A 43 -5.02 14.77 13.89
C ASN A 43 -5.47 14.99 12.45
N GLY A 44 -4.62 14.72 11.46
CA GLY A 44 -5.00 14.85 10.07
C GLY A 44 -4.96 16.25 9.52
N VAL A 45 -4.29 17.18 10.19
CA VAL A 45 -4.24 18.56 9.73
C VAL A 45 -3.47 18.64 8.41
N ALA A 46 -3.79 19.67 7.62
CA ALA A 46 -3.12 19.88 6.35
C ALA A 46 -1.65 20.20 6.58
N THR A 47 -0.78 19.51 5.83
CA THR A 47 0.66 19.61 6.06
C THR A 47 1.41 20.32 4.94
N ASP A 48 0.73 20.70 3.86
CA ASP A 48 1.40 21.41 2.78
C ASP A 48 1.81 22.80 3.25
N VAL A 49 2.87 23.33 2.65
CA VAL A 49 3.44 24.60 3.10
C VAL A 49 2.42 25.74 3.01
N PRO A 50 1.71 25.96 1.91
CA PRO A 50 0.77 27.09 1.87
C PRO A 50 -0.36 26.98 2.89
N SER A 51 -0.79 25.76 3.24
CA SER A 51 -1.86 25.61 4.23
C SER A 51 -1.34 25.75 5.66
N ALA A 52 -0.14 25.27 5.94
CA ALA A 52 0.41 25.41 7.29
C ALA A 52 0.74 26.86 7.60
N THR A 53 1.21 27.61 6.60
CA THR A 53 1.56 29.01 6.81
C THR A 53 0.37 29.81 7.34
N LYS A 54 -0.83 29.52 6.85
CA LYS A 54 -2.03 30.19 7.30
C LYS A 54 -2.30 29.99 8.78
N ARG A 55 -1.66 29.01 9.42
CA ARG A 55 -1.86 28.74 10.85
C ARG A 55 -0.98 29.58 11.75
N TRP A 56 -0.07 30.38 11.19
CA TRP A 56 0.88 31.16 11.97
C TRP A 56 0.75 32.63 11.62
N GLY A 57 0.97 33.49 12.62
CA GLY A 57 0.88 34.92 12.44
C GLY A 57 1.74 35.65 13.46
N PHE A 58 1.89 36.95 13.24
CA PHE A 58 2.73 37.80 14.07
C PHE A 58 1.87 38.69 14.96
N ARG A 59 2.32 38.88 16.20
CA ARG A 59 1.60 39.71 17.15
C ARG A 59 2.58 40.26 18.18
N SER A 60 2.47 41.55 18.46
CA SER A 60 3.25 42.15 19.53
C SER A 60 2.42 42.19 20.81
N GLY A 61 3.12 42.29 21.93
CA GLY A 61 2.47 42.40 23.22
C GLY A 61 2.26 41.09 23.96
N VAL A 62 2.74 39.97 23.43
CA VAL A 62 2.64 38.69 24.13
C VAL A 62 4.04 38.10 24.25
N PRO A 63 4.60 38.03 25.46
CA PRO A 63 5.94 37.47 25.64
C PRO A 63 5.93 35.96 25.39
N PRO A 64 7.01 35.43 24.82
CA PRO A 64 7.05 34.00 24.52
C PRO A 64 7.15 33.16 25.78
N LYS A 65 6.52 31.99 25.73
CA LYS A 65 6.56 31.04 26.84
C LYS A 65 6.89 29.65 26.32
N VAL A 66 7.61 28.89 27.14
CA VAL A 66 8.12 27.58 26.74
C VAL A 66 7.84 26.58 27.86
N VAL A 67 7.46 25.35 27.47
CA VAL A 67 7.35 24.22 28.39
C VAL A 67 8.15 23.05 27.84
N ASN A 68 8.52 22.16 28.74
CA ASN A 68 9.26 20.96 28.37
C ASN A 68 8.31 19.78 28.21
N TYR A 69 8.64 18.91 27.25
CA TYR A 69 8.01 17.61 27.14
C TYR A 69 9.11 16.56 27.06
N GLU A 70 8.81 15.37 27.60
CA GLU A 70 9.81 14.32 27.72
C GLU A 70 9.80 13.33 26.56
N ALA A 71 8.71 13.23 25.82
CA ALA A 71 8.62 12.28 24.72
C ALA A 71 7.81 12.91 23.59
N GLY A 72 8.25 12.67 22.35
CA GLY A 72 7.57 13.18 21.18
C GLY A 72 7.31 12.08 20.17
N GLU A 73 6.58 12.45 19.13
CA GLU A 73 6.18 11.55 18.06
C GLU A 73 7.04 11.81 16.82
N TRP A 74 7.51 10.74 16.19
CA TRP A 74 8.20 10.86 14.91
C TRP A 74 7.30 11.58 13.91
N ALA A 75 7.78 12.68 13.36
CA ALA A 75 6.99 13.52 12.49
C ALA A 75 7.39 13.30 11.04
N GLU A 76 6.39 13.09 10.18
CA GLU A 76 6.65 12.99 8.75
C GLU A 76 6.88 14.36 8.13
N ASN A 77 6.29 15.41 8.71
CA ASN A 77 6.37 16.75 8.15
C ASN A 77 6.79 17.73 9.25
N CYS A 78 7.93 18.39 9.04
CA CYS A 78 8.42 19.46 9.89
C CYS A 78 8.70 20.68 9.03
N TYR A 79 8.88 21.82 9.69
CA TYR A 79 9.08 23.09 9.02
C TYR A 79 10.27 23.83 9.60
N ASN A 80 10.92 24.62 8.75
CA ASN A 80 12.05 25.46 9.14
C ASN A 80 11.94 26.75 8.35
N LEU A 81 11.70 27.87 9.05
CA LEU A 81 11.39 29.14 8.41
C LEU A 81 12.57 30.09 8.49
N GLU A 82 12.76 30.86 7.40
CA GLU A 82 13.72 31.95 7.36
C GLU A 82 13.06 33.15 6.66
N ILE A 83 12.02 33.68 7.28
CA ILE A 83 11.29 34.83 6.75
C ILE A 83 11.99 36.11 7.15
N LYS A 84 12.07 37.06 6.21
CA LYS A 84 12.73 38.34 6.43
C LYS A 84 11.85 39.46 5.90
N LYS A 85 11.99 40.64 6.51
CA LYS A 85 11.27 41.81 6.07
C LYS A 85 11.85 42.33 4.75
N PRO A 86 11.08 43.13 4.01
CA PRO A 86 11.58 43.64 2.71
C PRO A 86 12.92 44.36 2.80
N ASP A 87 13.14 45.16 3.83
CA ASP A 87 14.40 45.90 3.96
C ASP A 87 15.59 45.00 4.21
N GLY A 88 15.38 43.72 4.52
CA GLY A 88 16.44 42.77 4.73
C GLY A 88 16.59 42.30 6.17
N SER A 89 16.13 43.09 7.13
CA SER A 89 16.28 42.71 8.53
C SER A 89 15.51 41.43 8.82
N GLU A 90 16.10 40.58 9.67
CA GLU A 90 15.47 39.32 10.03
C GLU A 90 14.12 39.55 10.68
N CYS A 91 13.20 38.62 10.46
CA CYS A 91 11.84 38.74 10.94
C CYS A 91 11.54 37.81 12.11
N LEU A 92 12.32 36.75 12.29
CA LEU A 92 12.17 35.84 13.41
C LEU A 92 13.40 35.86 14.30
N PRO A 93 13.25 35.72 15.62
CA PRO A 93 14.42 35.74 16.50
C PRO A 93 15.21 34.44 16.39
N ALA A 94 16.54 34.55 16.46
CA ALA A 94 17.37 33.37 16.50
C ALA A 94 17.12 32.60 17.79
N ALA A 95 17.10 31.28 17.70
CA ALA A 95 16.70 30.47 18.85
C ALA A 95 17.72 30.61 19.97
N PRO A 96 17.27 30.77 21.21
CA PRO A 96 18.20 30.79 22.33
C PRO A 96 18.82 29.43 22.56
N ASP A 97 19.89 29.42 23.36
CA ASP A 97 20.61 28.18 23.63
C ASP A 97 19.70 27.18 24.31
N GLY A 98 19.96 25.90 24.06
CA GLY A 98 19.16 24.82 24.59
C GLY A 98 17.97 24.45 23.74
N ILE A 99 17.53 25.34 22.85
CA ILE A 99 16.43 25.06 21.95
C ILE A 99 17.01 24.56 20.62
N ARG A 100 16.73 23.30 20.30
CA ARG A 100 17.23 22.67 19.08
C ARG A 100 16.04 22.13 18.29
N GLY A 101 16.31 21.76 17.04
CA GLY A 101 15.25 21.30 16.17
C GLY A 101 14.61 20.00 16.65
N PHE A 102 13.44 19.72 16.11
CA PHE A 102 12.72 18.50 16.46
C PHE A 102 13.59 17.29 16.16
N PRO A 103 13.70 16.33 17.07
CA PRO A 103 14.73 15.28 16.93
C PRO A 103 14.54 14.38 15.74
N ARG A 104 13.30 14.08 15.34
CA ARG A 104 13.02 13.07 14.32
C ARG A 104 12.02 13.65 13.31
N CYS A 105 12.53 14.05 12.15
CA CYS A 105 11.71 14.55 11.05
C CYS A 105 12.14 13.84 9.77
N ARG A 106 11.16 13.38 9.00
CA ARG A 106 11.48 12.76 7.72
C ARG A 106 11.61 13.82 6.63
N TYR A 107 10.55 14.59 6.40
CA TYR A 107 10.55 15.67 5.42
C TYR A 107 10.61 16.99 6.16
N VAL A 108 11.64 17.79 5.90
CA VAL A 108 11.78 19.12 6.47
C VAL A 108 11.53 20.13 5.37
N HIS A 109 10.46 20.90 5.51
CA HIS A 109 10.05 21.86 4.50
C HIS A 109 10.74 23.19 4.78
N LYS A 110 11.77 23.50 3.99
CA LYS A 110 12.51 24.74 4.13
C LYS A 110 11.66 25.88 3.58
N VAL A 111 10.99 26.61 4.47
CA VAL A 111 10.14 27.72 4.09
C VAL A 111 10.94 29.01 4.17
N SER A 112 10.95 29.75 3.06
CA SER A 112 11.65 31.03 2.99
C SER A 112 10.75 32.04 2.31
N GLY A 113 11.21 33.28 2.24
CA GLY A 113 10.45 34.31 1.57
C GLY A 113 10.55 35.67 2.26
N THR A 114 9.87 36.66 1.70
CA THR A 114 9.88 38.02 2.20
C THR A 114 8.45 38.52 2.31
N GLY A 115 8.07 38.94 3.51
CA GLY A 115 6.76 39.48 3.74
C GLY A 115 6.76 40.53 4.83
N PRO A 116 5.66 41.25 4.98
CA PRO A 116 5.53 42.19 6.09
C PRO A 116 5.34 41.45 7.40
N CYS A 117 6.05 41.91 8.42
CA CYS A 117 6.05 41.26 9.73
C CYS A 117 5.30 42.18 10.70
N ALA A 118 4.02 41.85 10.94
CA ALA A 118 3.14 42.71 11.70
C ALA A 118 3.41 42.71 13.20
N GLY A 119 4.26 41.81 13.70
CA GLY A 119 4.44 41.70 15.14
C GLY A 119 5.85 41.27 15.49
N ASP A 120 6.09 41.14 16.79
CA ASP A 120 7.43 40.80 17.28
C ASP A 120 7.68 39.29 17.32
N PHE A 121 6.62 38.47 17.29
CA PHE A 121 6.80 37.03 17.42
C PHE A 121 5.72 36.32 16.63
N ALA A 122 6.07 35.14 16.12
CA ALA A 122 5.17 34.33 15.32
C ALA A 122 4.48 33.30 16.21
N PHE A 123 3.15 33.39 16.32
CA PHE A 123 2.36 32.50 17.16
C PHE A 123 1.49 31.58 16.32
N HIS A 124 0.99 30.53 16.97
CA HIS A 124 0.11 29.55 16.32
C HIS A 124 -1.33 29.99 16.48
N LYS A 125 -2.01 30.25 15.35
CA LYS A 125 -3.34 30.82 15.39
C LYS A 125 -4.39 29.86 15.93
N GLU A 126 -4.13 28.55 15.91
CA GLU A 126 -5.09 27.59 16.44
C GLU A 126 -4.84 27.28 17.92
N GLY A 127 -3.75 27.77 18.49
CA GLY A 127 -3.44 27.54 19.88
C GLY A 127 -2.43 26.45 20.14
N ALA A 128 -2.01 25.72 19.11
CA ALA A 128 -1.08 24.63 19.29
C ALA A 128 0.32 25.18 19.62
N PHE A 129 1.26 24.27 19.84
CA PHE A 129 2.63 24.62 20.18
C PHE A 129 3.56 24.26 19.04
N PHE A 130 4.68 24.98 18.97
CA PHE A 130 5.76 24.66 18.05
C PHE A 130 6.76 23.79 18.80
N LEU A 131 6.77 22.50 18.48
CA LEU A 131 7.53 21.51 19.25
C LEU A 131 8.96 21.46 18.73
N TYR A 132 9.91 21.72 19.62
CA TYR A 132 11.34 21.60 19.35
C TYR A 132 11.88 20.39 20.09
N ASP A 133 13.21 20.32 20.23
CA ASP A 133 13.85 19.22 20.95
C ASP A 133 13.48 19.33 22.42
N ARG A 134 12.50 18.53 22.84
CA ARG A 134 12.08 18.41 24.24
C ARG A 134 11.58 19.73 24.84
N LEU A 135 11.37 20.74 24.01
CA LEU A 135 10.83 22.02 24.46
C LEU A 135 9.67 22.42 23.54
N ALA A 136 8.56 22.80 24.16
CA ALA A 136 7.39 23.27 23.43
C ALA A 136 7.26 24.78 23.65
N SER A 137 7.37 25.54 22.56
CA SER A 137 7.30 26.99 22.62
C SER A 137 6.04 27.48 21.92
N THR A 138 5.60 28.67 22.32
CA THR A 138 4.48 29.34 21.66
C THR A 138 4.93 30.21 20.49
N VAL A 139 6.23 30.27 20.21
CA VAL A 139 6.80 31.22 19.26
C VAL A 139 7.70 30.45 18.29
N ILE A 140 7.64 30.85 17.02
CA ILE A 140 8.51 30.25 16.00
C ILE A 140 9.88 30.92 16.07
N TYR A 141 10.91 30.11 16.22
CA TYR A 141 12.29 30.60 16.22
C TYR A 141 12.91 30.42 14.85
N ARG A 142 13.79 31.37 14.50
CA ARG A 142 14.37 31.38 13.17
C ARG A 142 15.23 30.14 12.95
N GLY A 143 15.11 29.56 11.76
CA GLY A 143 16.05 28.57 11.30
C GLY A 143 16.07 27.25 12.05
N THR A 144 15.12 27.02 12.95
CA THR A 144 15.08 25.79 13.73
C THR A 144 13.90 24.93 13.30
N THR A 145 14.19 23.67 12.99
CA THR A 145 13.16 22.73 12.55
C THR A 145 12.17 22.48 13.68
N PHE A 146 10.90 22.83 13.46
CA PHE A 146 9.84 22.60 14.44
C PHE A 146 8.77 21.71 13.84
N ALA A 147 7.86 21.28 14.70
CA ALA A 147 6.73 20.45 14.30
C ALA A 147 5.55 20.82 15.18
N GLU A 148 4.54 21.46 14.59
CA GLU A 148 3.41 21.93 15.38
C GLU A 148 2.65 20.75 15.99
N GLY A 149 2.47 20.80 17.30
CA GLY A 149 1.75 19.77 18.02
C GLY A 149 1.23 20.31 19.34
N VAL A 150 0.73 19.39 20.16
CA VAL A 150 0.17 19.71 21.47
C VAL A 150 0.74 18.73 22.49
N VAL A 151 0.51 19.06 23.77
CA VAL A 151 1.18 18.40 24.88
C VAL A 151 0.13 17.79 25.80
N ALA A 152 0.39 16.57 26.26
CA ALA A 152 -0.44 15.90 27.25
C ALA A 152 0.42 15.44 28.41
N PHE A 153 -0.21 15.31 29.58
CA PHE A 153 0.46 14.92 30.81
C PHE A 153 -0.16 13.62 31.32
N LEU A 154 0.67 12.58 31.45
CA LEU A 154 0.20 11.24 31.77
C LEU A 154 0.89 10.71 33.02
N ILE A 155 0.15 9.92 33.78
CA ILE A 155 0.71 9.09 34.85
C ILE A 155 0.66 7.64 34.37
N LEU A 156 1.85 7.07 34.16
CA LEU A 156 2.00 5.84 33.40
C LEU A 156 1.82 4.61 34.30
N PRO A 157 1.56 3.45 33.69
CA PRO A 157 1.51 2.21 34.47
C PRO A 157 2.85 1.93 35.15
N GLN A 158 2.78 1.11 36.18
CA GLN A 158 3.93 0.83 37.03
C GLN A 158 4.95 -0.08 36.34
N ALA B 1 -12.70 10.22 31.74
CA ALA B 1 -12.70 9.42 30.52
C ALA B 1 -12.71 10.31 29.29
N ILE B 2 -11.99 9.89 28.24
CA ILE B 2 -11.90 10.64 26.99
C ILE B 2 -12.61 9.90 25.86
N VAL B 3 -12.99 10.66 24.84
CA VAL B 3 -13.52 10.12 23.59
C VAL B 3 -13.07 11.05 22.46
N ASN B 4 -12.55 10.46 21.38
CA ASN B 4 -11.94 11.26 20.33
C ASN B 4 -13.01 12.01 19.55
N ALA B 5 -12.79 13.31 19.35
CA ALA B 5 -13.67 14.14 18.54
C ALA B 5 -12.92 14.82 17.39
N GLN B 6 -11.64 14.54 17.22
CA GLN B 6 -10.88 15.09 16.12
C GLN B 6 -11.35 14.50 14.79
N PRO B 7 -11.13 15.22 13.68
CA PRO B 7 -11.58 14.68 12.38
C PRO B 7 -11.00 13.31 12.07
N LYS B 8 -9.68 13.16 12.15
CA LYS B 8 -9.03 11.87 11.97
C LYS B 8 -8.14 11.58 13.17
N CYS B 9 -7.60 10.37 13.21
CA CYS B 9 -6.69 9.97 14.27
C CYS B 9 -5.73 8.94 13.71
N ASN B 10 -4.45 9.06 14.05
CA ASN B 10 -3.47 8.07 13.66
C ASN B 10 -3.37 7.04 14.78
N PRO B 11 -4.00 5.87 14.62
CA PRO B 11 -4.13 4.95 15.77
C PRO B 11 -2.83 4.32 16.22
N ASN B 12 -1.74 4.52 15.49
CA ASN B 12 -0.43 4.00 15.86
C ASN B 12 0.49 5.15 16.24
N LEU B 13 1.28 4.96 17.28
CA LEU B 13 2.16 6.00 17.82
C LEU B 13 3.61 5.54 17.73
N HIS B 14 4.38 6.17 16.84
CA HIS B 14 5.81 5.96 16.72
C HIS B 14 6.49 7.08 17.49
N TYR B 15 7.07 6.76 18.64
CA TYR B 15 7.54 7.78 19.57
C TYR B 15 9.05 7.77 19.69
N TRP B 16 9.57 8.89 20.20
CA TRP B 16 10.97 9.01 20.61
C TRP B 16 11.02 9.58 22.01
N THR B 17 12.06 9.22 22.75
CA THR B 17 12.19 9.71 24.13
C THR B 17 13.61 9.45 24.62
N THR B 18 14.10 10.37 25.45
CA THR B 18 15.36 10.18 26.14
C THR B 18 15.18 9.59 27.53
N GLN B 19 13.99 9.72 28.12
CA GLN B 19 13.73 9.30 29.49
C GLN B 19 13.60 7.79 29.60
N ASP B 20 14.56 7.05 29.05
CA ASP B 20 14.51 5.59 29.04
C ASP B 20 15.85 5.01 29.46
N GLU B 21 15.93 3.68 29.40
CA GLU B 21 17.08 2.96 29.93
C GLU B 21 18.37 3.32 29.19
N GLY B 22 19.46 3.37 29.94
CA GLY B 22 20.78 3.43 29.35
C GLY B 22 21.61 2.27 29.83
N ALA B 23 21.76 1.23 29.00
CA ALA B 23 22.54 0.06 29.38
C ALA B 23 23.97 0.43 29.79
N ALA B 24 24.44 1.62 29.43
CA ALA B 24 25.72 2.15 29.87
C ALA B 24 26.86 1.21 29.46
N ILE B 25 26.95 0.96 28.15
CA ILE B 25 28.13 0.31 27.61
C ILE B 25 29.34 1.14 28.01
N GLY B 26 30.30 0.50 28.69
CA GLY B 26 31.43 1.17 29.32
C GLY B 26 31.96 2.40 28.61
N LEU B 27 32.10 3.49 29.36
CA LEU B 27 32.66 4.78 28.92
C LEU B 27 31.75 5.55 27.97
N ALA B 28 30.53 5.08 27.72
CA ALA B 28 29.57 5.83 26.92
C ALA B 28 28.72 6.78 27.74
N TRP B 29 28.70 6.61 29.06
CA TRP B 29 28.06 7.61 29.91
C TRP B 29 28.89 8.89 29.97
N ILE B 30 30.19 8.79 29.73
CA ILE B 30 31.05 9.98 29.74
C ILE B 30 30.72 10.84 28.52
N PRO B 31 30.39 12.12 28.70
CA PRO B 31 30.01 12.95 27.54
C PRO B 31 31.08 13.03 26.48
N TYR B 32 32.35 13.05 26.86
CA TYR B 32 33.43 13.14 25.87
C TYR B 32 33.37 11.98 24.89
N PHE B 33 33.05 10.78 25.37
CA PHE B 33 32.92 9.60 24.52
C PHE B 33 31.48 9.27 24.22
N GLY B 34 30.53 10.03 24.73
CA GLY B 34 29.13 9.71 24.59
C GLY B 34 28.60 9.98 23.20
N PRO B 35 27.36 9.59 22.95
CA PRO B 35 26.75 9.84 21.64
C PRO B 35 26.53 11.33 21.42
N ALA B 36 26.44 11.70 20.14
CA ALA B 36 26.20 13.09 19.78
C ALA B 36 24.74 13.44 20.02
N ALA B 37 24.38 14.68 19.71
CA ALA B 37 23.05 15.18 20.07
C ALA B 37 21.94 14.39 19.39
N GLU B 38 22.18 13.92 18.16
CA GLU B 38 21.15 13.22 17.40
C GLU B 38 20.95 11.79 17.86
N GLY B 39 21.88 11.22 18.64
CA GLY B 39 21.78 9.82 19.00
C GLY B 39 21.53 9.56 20.46
N ILE B 40 20.98 10.56 21.16
CA ILE B 40 20.64 10.40 22.57
C ILE B 40 19.23 9.88 22.79
N TYR B 41 18.51 9.57 21.72
CA TYR B 41 17.10 9.22 21.80
C TYR B 41 16.90 7.72 21.60
N THR B 42 15.84 7.20 22.19
CA THR B 42 15.35 5.86 21.93
C THR B 42 14.02 5.94 21.20
N GLU B 43 13.61 4.83 20.62
CA GLU B 43 12.37 4.79 19.85
C GLU B 43 11.47 3.67 20.36
N GLY B 44 10.26 3.65 19.84
CA GLY B 44 9.27 2.67 20.24
C GLY B 44 8.00 2.84 19.43
N LEU B 45 7.07 1.92 19.63
CA LEU B 45 5.84 1.88 18.84
C LEU B 45 4.71 1.35 19.71
N MET B 46 3.56 2.01 19.64
CA MET B 46 2.39 1.60 20.43
C MET B 46 1.20 1.31 19.54
N HIS B 47 1.36 0.40 18.59
CA HIS B 47 0.26 0.00 17.73
C HIS B 47 -0.65 -1.03 18.39
N ASN B 48 -0.36 -1.40 19.63
CA ASN B 48 -1.09 -2.50 20.29
C ASN B 48 -2.58 -2.20 20.35
N GLN B 49 -2.95 -1.10 20.99
CA GLN B 49 -4.35 -0.69 21.13
C GLN B 49 -4.57 0.59 20.36
N ASP B 50 -5.56 0.57 19.46
CA ASP B 50 -5.91 1.77 18.71
C ASP B 50 -6.62 2.79 19.57
N GLY B 51 -7.43 2.33 20.54
CA GLY B 51 -8.27 3.24 21.28
C GLY B 51 -7.51 4.16 22.23
N LEU B 52 -6.52 3.61 22.93
CA LEU B 52 -5.73 4.41 23.86
C LEU B 52 -4.98 5.53 23.15
N ILE B 53 -4.41 5.23 21.99
CA ILE B 53 -3.63 6.25 21.27
C ILE B 53 -4.53 7.37 20.80
N CYS B 54 -5.72 7.05 20.27
CA CYS B 54 -6.65 8.09 19.87
C CYS B 54 -7.12 8.89 21.07
N GLY B 55 -7.21 8.26 22.24
CA GLY B 55 -7.55 9.00 23.44
C GLY B 55 -6.47 9.97 23.86
N LEU B 56 -5.20 9.57 23.71
CA LEU B 56 -4.09 10.46 24.01
C LEU B 56 -4.12 11.72 23.16
N ARG B 57 -4.45 11.58 21.88
CA ARG B 57 -4.45 12.72 20.99
C ARG B 57 -5.52 13.73 21.39
N GLN B 58 -6.67 13.25 21.85
CA GLN B 58 -7.70 14.16 22.32
C GLN B 58 -7.31 14.81 23.64
N LEU B 59 -6.69 14.04 24.54
CA LEU B 59 -6.22 14.62 25.79
C LEU B 59 -5.19 15.72 25.54
N ALA B 60 -4.24 15.46 24.62
CA ALA B 60 -3.27 16.50 24.29
C ALA B 60 -3.95 17.72 23.66
N ASN B 61 -5.06 17.51 22.94
CA ASN B 61 -5.83 18.64 22.43
C ASN B 61 -6.58 19.36 23.55
N GLU B 62 -7.12 18.61 24.52
CA GLU B 62 -7.92 19.23 25.57
C GLU B 62 -7.08 19.90 26.64
N THR B 63 -5.86 19.41 26.89
CA THR B 63 -4.99 20.06 27.86
C THR B 63 -4.44 21.39 27.36
N THR B 64 -4.66 21.73 26.08
CA THR B 64 -3.98 22.88 25.50
C THR B 64 -4.51 24.20 26.06
N GLN B 65 -5.82 24.32 26.23
CA GLN B 65 -6.38 25.57 26.74
C GLN B 65 -5.90 25.87 28.15
N ALA B 66 -5.93 24.86 29.02
CA ALA B 66 -5.48 25.06 30.40
C ALA B 66 -3.97 25.28 30.46
N LEU B 67 -3.21 24.56 29.62
CA LEU B 67 -1.76 24.73 29.61
C LEU B 67 -1.38 26.12 29.11
N GLN B 68 -2.08 26.62 28.10
CA GLN B 68 -1.77 27.94 27.56
C GLN B 68 -2.04 29.04 28.58
N LEU B 69 -3.13 28.90 29.34
CA LEU B 69 -3.42 29.88 30.37
C LEU B 69 -2.41 29.81 31.50
N PHE B 70 -1.97 28.60 31.84
CA PHE B 70 -0.91 28.42 32.83
C PHE B 70 0.34 29.22 32.43
N LEU B 71 0.72 29.13 31.16
CA LEU B 71 1.92 29.82 30.71
C LEU B 71 1.72 31.34 30.69
N ARG B 72 0.49 31.80 30.46
CA ARG B 72 0.23 33.22 30.53
C ARG B 72 0.45 33.75 31.93
N ALA B 73 0.12 32.93 32.94
CA ALA B 73 0.21 33.39 34.32
C ALA B 73 1.66 33.46 34.79
N THR B 74 2.46 32.44 34.47
CA THR B 74 3.85 32.44 34.89
C THR B 74 4.66 33.44 34.07
N THR B 75 5.81 33.84 34.62
CA THR B 75 6.65 34.84 34.00
C THR B 75 7.99 34.30 33.48
N GLU B 76 8.46 33.18 34.02
CA GLU B 76 9.73 32.61 33.56
C GLU B 76 9.61 32.17 32.11
N LEU B 77 10.77 32.11 31.44
CA LEU B 77 10.80 31.76 30.02
C LEU B 77 10.39 30.31 29.82
N ARG B 78 11.02 29.38 30.55
CA ARG B 78 10.81 27.95 30.38
C ARG B 78 10.33 27.34 31.69
N THR B 79 9.30 26.49 31.60
CA THR B 79 8.64 25.93 32.77
C THR B 79 8.81 24.42 32.75
N PHE B 80 9.69 23.91 33.62
CA PHE B 80 9.86 22.48 33.84
C PHE B 80 9.11 22.00 35.08
N SER B 81 8.65 22.91 35.94
CA SER B 81 8.08 22.56 37.23
C SER B 81 6.78 21.80 37.13
N ILE B 82 6.16 21.75 35.95
CA ILE B 82 4.77 21.29 35.84
C ILE B 82 4.63 19.85 36.30
N LEU B 83 5.57 18.99 35.91
CA LEU B 83 5.46 17.58 36.28
C LEU B 83 5.74 17.37 37.76
N ASN B 84 6.75 18.05 38.31
CA ASN B 84 6.98 17.95 39.74
C ASN B 84 5.83 18.55 40.54
N ARG B 85 5.16 19.56 40.00
CA ARG B 85 4.02 20.14 40.69
C ARG B 85 2.85 19.16 40.75
N LYS B 86 2.62 18.43 39.66
CA LYS B 86 1.52 17.46 39.64
C LYS B 86 1.72 16.39 40.68
N ALA B 87 2.96 15.97 40.92
CA ALA B 87 3.23 14.96 41.94
C ALA B 87 2.94 15.50 43.34
N ILE B 88 3.33 16.74 43.61
CA ILE B 88 3.02 17.34 44.90
C ILE B 88 1.50 17.44 45.08
N ASP B 89 0.78 17.86 44.04
CA ASP B 89 -0.67 17.91 44.10
C ASP B 89 -1.27 16.54 44.36
N PHE B 90 -0.65 15.50 43.79
CA PHE B 90 -1.13 14.13 44.01
C PHE B 90 -1.06 13.75 45.47
N LEU B 91 0.08 14.06 46.12
CA LEU B 91 0.25 13.73 47.52
C LEU B 91 -0.64 14.60 48.41
N LEU B 92 -0.82 15.87 48.04
CA LEU B 92 -1.61 16.79 48.86
C LEU B 92 -3.09 16.44 48.83
N GLN B 93 -3.56 15.78 47.77
CA GLN B 93 -4.95 15.36 47.70
C GLN B 93 -5.25 14.28 48.73
N ARG B 94 -4.36 13.29 48.84
CA ARG B 94 -4.55 12.14 49.71
C ARG B 94 -4.03 12.37 51.12
N TRP B 95 -2.90 13.05 51.27
CA TRP B 95 -2.23 13.19 52.56
C TRP B 95 -2.09 14.64 52.98
N GLY B 96 -2.94 15.53 52.48
CA GLY B 96 -2.84 16.93 52.81
C GLY B 96 -3.31 17.28 54.21
N GLY B 97 -4.54 16.89 54.54
CA GLY B 97 -5.11 17.15 55.84
C GLY B 97 -5.21 15.91 56.71
N THR B 98 -5.97 16.04 57.79
CA THR B 98 -6.20 14.92 58.70
C THR B 98 -6.87 13.77 57.95
N CYS B 99 -6.38 12.56 58.21
CA CYS B 99 -6.73 11.37 57.42
C CYS B 99 -7.56 10.45 58.32
N HIS B 100 -8.84 10.31 58.03
CA HIS B 100 -9.72 9.42 58.78
C HIS B 100 -9.69 8.04 58.16
N ILE B 101 -9.26 7.05 58.96
CA ILE B 101 -8.82 5.76 58.41
C ILE B 101 -9.87 5.17 57.48
N LEU B 102 -11.12 5.12 57.93
CA LEU B 102 -12.21 4.60 57.10
C LEU B 102 -12.93 5.69 56.31
N GLY B 103 -12.46 6.93 56.36
CA GLY B 103 -13.11 8.03 55.68
C GLY B 103 -12.97 7.96 54.17
N PRO B 104 -13.73 8.80 53.45
CA PRO B 104 -13.67 8.77 51.98
C PRO B 104 -12.45 9.46 51.39
N ASP B 105 -11.84 10.40 52.11
CA ASP B 105 -10.69 11.15 51.61
C ASP B 105 -9.36 10.62 52.17
N CYS B 106 -9.34 9.39 52.65
CA CYS B 106 -8.12 8.81 53.21
C CYS B 106 -7.87 7.45 52.55
N CYS B 107 -6.72 7.31 51.91
CA CYS B 107 -6.37 6.06 51.26
C CYS B 107 -5.64 5.11 52.20
N ILE B 108 -6.23 4.86 53.36
CA ILE B 108 -5.70 3.91 54.34
C ILE B 108 -6.69 2.76 54.49
N GLU B 109 -6.20 1.53 54.36
CA GLU B 109 -7.02 0.35 54.55
C GLU B 109 -6.48 -0.46 55.72
N PRO B 110 -7.30 -0.77 56.73
CA PRO B 110 -6.81 -1.57 57.85
C PRO B 110 -6.42 -2.97 57.38
N HIS B 111 -5.64 -3.65 58.22
CA HIS B 111 -5.06 -4.94 57.85
C HIS B 111 -6.16 -6.00 57.68
N ASP B 112 -5.78 -7.09 57.03
CA ASP B 112 -6.68 -8.22 56.83
C ASP B 112 -6.58 -9.19 58.00
N TRP B 113 -7.71 -9.50 58.61
CA TRP B 113 -7.74 -10.43 59.74
C TRP B 113 -8.87 -11.45 59.59
N GLU C 1 -13.36 -12.95 11.75
CA GLU C 1 -14.72 -12.51 12.05
C GLU C 1 -15.08 -11.29 11.20
N ILE C 2 -14.17 -10.32 11.13
CA ILE C 2 -14.36 -9.13 10.31
C ILE C 2 -14.27 -9.52 8.85
N VAL C 3 -15.40 -9.69 8.19
CA VAL C 3 -15.46 -10.08 6.77
C VAL C 3 -16.16 -8.97 5.99
N LEU C 4 -15.57 -8.60 4.86
CA LEU C 4 -16.13 -7.59 3.97
C LEU C 4 -16.76 -8.29 2.78
N THR C 5 -18.07 -8.14 2.61
CA THR C 5 -18.80 -8.76 1.53
C THR C 5 -19.10 -7.72 0.45
N GLN C 6 -18.67 -8.00 -0.78
CA GLN C 6 -18.76 -7.06 -1.88
C GLN C 6 -19.85 -7.46 -2.86
N SER C 7 -20.54 -6.46 -3.41
CA SER C 7 -21.62 -6.65 -4.36
C SER C 7 -21.60 -5.53 -5.38
N PRO C 8 -21.83 -5.82 -6.66
CA PRO C 8 -22.09 -7.16 -7.20
C PRO C 8 -20.81 -7.93 -7.47
N GLY C 9 -20.93 -9.23 -7.72
CA GLY C 9 -19.73 -10.02 -8.03
C GLY C 9 -19.14 -9.64 -9.37
N THR C 10 -19.97 -9.65 -10.41
CA THR C 10 -19.58 -9.18 -11.74
C THR C 10 -20.55 -8.10 -12.18
N LEU C 11 -20.12 -7.32 -13.18
CA LEU C 11 -20.90 -6.19 -13.64
C LEU C 11 -20.34 -5.74 -15.00
N SER C 12 -21.25 -5.39 -15.91
CA SER C 12 -20.89 -4.97 -17.26
C SER C 12 -21.89 -3.93 -17.74
N LEU C 13 -21.38 -2.78 -18.16
CA LEU C 13 -22.24 -1.70 -18.64
C LEU C 13 -21.42 -0.76 -19.52
N SER C 14 -22.13 0.09 -20.26
CA SER C 14 -21.56 0.79 -21.39
C SER C 14 -20.75 2.01 -20.94
N PRO C 15 -19.89 2.53 -21.82
CA PRO C 15 -19.16 3.75 -21.50
C PRO C 15 -20.11 4.93 -21.32
N GLY C 16 -19.80 5.78 -20.35
CA GLY C 16 -20.62 6.90 -19.97
C GLY C 16 -21.53 6.64 -18.78
N GLU C 17 -21.90 5.38 -18.57
CA GLU C 17 -22.81 5.04 -17.49
C GLU C 17 -22.10 5.13 -16.14
N ARG C 18 -22.87 5.03 -15.07
CA ARG C 18 -22.37 5.14 -13.71
C ARG C 18 -22.38 3.75 -13.08
N ALA C 19 -21.24 3.33 -12.56
CA ALA C 19 -21.11 2.06 -11.87
C ALA C 19 -21.02 2.30 -10.37
N THR C 20 -21.89 1.65 -9.62
CA THR C 20 -21.92 1.77 -8.16
C THR C 20 -21.51 0.42 -7.55
N LEU C 21 -20.39 0.42 -6.85
CA LEU C 21 -19.87 -0.77 -6.19
C LEU C 21 -20.03 -0.62 -4.70
N SER C 22 -20.61 -1.64 -4.06
CA SER C 22 -20.90 -1.62 -2.64
C SER C 22 -20.03 -2.61 -1.90
N CYS C 23 -19.96 -2.44 -0.59
CA CYS C 23 -19.13 -3.31 0.25
C CYS C 23 -19.57 -3.14 1.70
N ARG C 24 -20.22 -4.16 2.25
CA ARG C 24 -20.74 -4.14 3.61
C ARG C 24 -19.72 -4.74 4.58
N ALA C 25 -19.73 -4.21 5.80
CA ALA C 25 -18.89 -4.73 6.88
C ALA C 25 -19.71 -5.65 7.77
N SER C 26 -19.10 -6.77 8.17
CA SER C 26 -19.78 -7.72 9.04
C SER C 26 -20.04 -7.11 10.42
N GLN C 27 -18.98 -6.70 11.11
CA GLN C 27 -19.10 -5.91 12.32
C GLN C 27 -18.84 -4.45 12.02
N SER C 28 -19.39 -3.59 12.88
CA SER C 28 -19.20 -2.15 12.70
C SER C 28 -17.71 -1.82 12.76
N VAL C 29 -17.29 -0.93 11.86
CA VAL C 29 -15.90 -0.50 11.84
C VAL C 29 -15.61 0.33 13.08
N SER C 30 -14.52 0.00 13.78
CA SER C 30 -14.07 0.78 14.93
C SER C 30 -13.06 1.85 14.53
N SER C 31 -12.55 1.78 13.30
CA SER C 31 -11.67 2.82 12.75
C SER C 31 -11.97 2.89 11.26
N SER C 32 -12.68 3.95 10.85
CA SER C 32 -13.14 4.10 9.47
C SER C 32 -11.99 4.60 8.60
N TYR C 33 -11.07 3.68 8.32
CA TYR C 33 -10.00 3.93 7.37
C TYR C 33 -10.20 3.03 6.15
N PHE C 34 -11.37 3.15 5.54
CA PHE C 34 -11.77 2.35 4.41
C PHE C 34 -11.02 2.80 3.15
N ALA C 35 -10.88 1.88 2.19
CA ALA C 35 -10.14 2.17 0.97
C ALA C 35 -10.68 1.30 -0.16
N TRP C 36 -10.42 1.75 -1.39
CA TRP C 36 -10.84 1.04 -2.59
C TRP C 36 -9.64 0.91 -3.54
N TYR C 37 -9.54 -0.24 -4.19
CA TYR C 37 -8.40 -0.54 -5.05
C TYR C 37 -8.88 -0.99 -6.44
N GLN C 38 -8.09 -0.63 -7.45
CA GLN C 38 -8.32 -1.06 -8.83
C GLN C 38 -7.13 -1.90 -9.27
N GLN C 39 -7.41 -3.09 -9.79
CA GLN C 39 -6.37 -4.04 -10.19
C GLN C 39 -6.56 -4.36 -11.67
N LYS C 40 -5.64 -3.88 -12.48
CA LYS C 40 -5.61 -4.23 -13.89
C LYS C 40 -4.96 -5.60 -14.06
N PRO C 41 -5.21 -6.28 -15.18
CA PRO C 41 -4.69 -7.65 -15.34
C PRO C 41 -3.17 -7.68 -15.23
N GLY C 42 -2.68 -8.57 -14.36
CA GLY C 42 -1.26 -8.75 -14.17
C GLY C 42 -0.55 -7.67 -13.40
N GLN C 43 -1.26 -6.65 -12.95
CA GLN C 43 -0.67 -5.55 -12.20
C GLN C 43 -1.07 -5.65 -10.73
N ALA C 44 -0.26 -5.05 -9.88
CA ALA C 44 -0.65 -4.89 -8.50
C ALA C 44 -1.82 -3.91 -8.42
N PRO C 45 -2.64 -3.99 -7.37
CA PRO C 45 -3.76 -3.05 -7.25
C PRO C 45 -3.28 -1.62 -7.07
N ARG C 46 -4.02 -0.69 -7.67
CA ARG C 46 -3.76 0.74 -7.52
C ARG C 46 -4.74 1.31 -6.50
N LEU C 47 -4.27 2.30 -5.74
CA LEU C 47 -5.12 2.96 -4.76
C LEU C 47 -5.96 4.03 -5.44
N LEU C 48 -7.28 3.85 -5.39
CA LEU C 48 -8.22 4.83 -5.91
C LEU C 48 -8.66 5.83 -4.86
N ILE C 49 -9.13 5.33 -3.72
CA ILE C 49 -9.70 6.16 -2.66
C ILE C 49 -9.26 5.60 -1.32
N SER C 50 -8.77 6.48 -0.45
CA SER C 50 -8.38 6.12 0.91
C SER C 50 -9.16 6.98 1.89
N GLY C 51 -9.25 6.50 3.12
CA GLY C 51 -10.01 7.22 4.15
C GLY C 51 -11.45 7.47 3.75
N THR C 52 -12.12 6.46 3.21
CA THR C 52 -13.53 6.49 2.84
C THR C 52 -13.83 7.39 1.62
N SER C 53 -13.21 8.58 1.54
CA SER C 53 -13.61 9.52 0.50
C SER C 53 -12.48 10.29 -0.16
N THR C 54 -11.25 10.29 0.37
CA THR C 54 -10.19 11.10 -0.22
C THR C 54 -9.57 10.35 -1.39
N ARG C 55 -9.58 10.98 -2.56
CA ARG C 55 -8.98 10.39 -3.76
C ARG C 55 -7.46 10.38 -3.66
N ALA C 56 -6.88 9.26 -4.07
CA ALA C 56 -5.43 9.17 -4.16
C ALA C 56 -4.92 10.10 -5.26
N PRO C 57 -3.66 10.52 -5.17
CA PRO C 57 -3.13 11.44 -6.19
C PRO C 57 -3.15 10.81 -7.58
N GLY C 58 -3.61 11.59 -8.56
CA GLY C 58 -3.65 11.14 -9.93
C GLY C 58 -4.85 10.30 -10.30
N ILE C 59 -5.84 10.19 -9.44
CA ILE C 59 -7.06 9.42 -9.71
C ILE C 59 -8.12 10.38 -10.21
N PRO C 60 -8.72 10.15 -11.38
CA PRO C 60 -9.69 11.09 -11.94
C PRO C 60 -10.85 11.36 -11.00
N ASP C 61 -11.49 12.51 -11.22
CA ASP C 61 -12.61 12.94 -10.38
C ASP C 61 -13.82 12.03 -10.50
N ARG C 62 -13.84 11.12 -11.48
CA ARG C 62 -14.97 10.23 -11.66
C ARG C 62 -15.14 9.29 -10.47
N PHE C 63 -14.03 8.75 -9.97
CA PHE C 63 -14.06 7.88 -8.81
C PHE C 63 -14.39 8.67 -7.55
N SER C 64 -15.49 8.34 -6.90
CA SER C 64 -15.94 9.02 -5.70
C SER C 64 -16.29 7.98 -4.64
N GLY C 65 -15.87 8.23 -3.41
CA GLY C 65 -16.07 7.31 -2.31
C GLY C 65 -16.95 7.91 -1.24
N SER C 66 -17.77 7.07 -0.62
CA SER C 66 -18.67 7.52 0.44
C SER C 66 -19.00 6.33 1.32
N GLY C 67 -19.50 6.64 2.52
CA GLY C 67 -19.79 5.57 3.45
C GLY C 67 -20.69 6.01 4.58
N SER C 68 -21.17 5.01 5.33
CA SER C 68 -22.10 5.29 6.42
C SER C 68 -21.79 4.52 7.69
N GLY C 69 -20.61 3.89 7.81
CA GLY C 69 -20.28 3.17 9.03
C GLY C 69 -20.33 1.67 8.89
N THR C 70 -21.44 1.15 8.36
CA THR C 70 -21.59 -0.26 8.05
C THR C 70 -21.47 -0.56 6.57
N ASP C 71 -22.07 0.27 5.73
CA ASP C 71 -22.01 0.13 4.28
C ASP C 71 -21.19 1.27 3.68
N PHE C 72 -20.16 0.91 2.92
CA PHE C 72 -19.36 1.87 2.17
C PHE C 72 -19.51 1.59 0.68
N THR C 73 -19.46 2.64 -0.13
CA THR C 73 -19.78 2.52 -1.55
C THR C 73 -18.86 3.39 -2.39
N LEU C 74 -18.39 2.83 -3.51
CA LEU C 74 -17.59 3.52 -4.50
C LEU C 74 -18.40 3.65 -5.79
N THR C 75 -18.46 4.87 -6.32
CA THR C 75 -19.22 5.15 -7.53
C THR C 75 -18.28 5.66 -8.60
N ILE C 76 -18.20 4.95 -9.72
CA ILE C 76 -17.41 5.35 -10.87
C ILE C 76 -18.38 5.98 -11.87
N SER C 77 -18.46 7.30 -11.88
CA SER C 77 -19.37 8.01 -12.75
C SER C 77 -18.70 8.29 -14.10
N ARG C 78 -19.51 8.37 -15.15
CA ARG C 78 -19.04 8.66 -16.51
C ARG C 78 -17.93 7.68 -16.91
N LEU C 79 -18.34 6.42 -17.06
CA LEU C 79 -17.40 5.33 -17.29
C LEU C 79 -16.70 5.46 -18.64
N GLU C 80 -15.41 5.12 -18.64
CA GLU C 80 -14.58 5.16 -19.83
C GLU C 80 -13.94 3.81 -20.06
N PRO C 81 -13.51 3.51 -21.30
CA PRO C 81 -13.01 2.16 -21.59
C PRO C 81 -11.83 1.73 -20.73
N GLU C 82 -11.07 2.66 -20.17
CA GLU C 82 -9.90 2.32 -19.37
C GLU C 82 -10.25 1.78 -17.99
N ASP C 83 -11.50 1.92 -17.55
CA ASP C 83 -11.90 1.49 -16.23
C ASP C 83 -12.17 -0.01 -16.13
N PHE C 84 -11.88 -0.77 -17.18
CA PHE C 84 -11.96 -2.22 -17.08
C PHE C 84 -10.93 -2.72 -16.09
N ALA C 85 -11.39 -3.30 -14.99
CA ALA C 85 -10.52 -3.87 -13.96
C ALA C 85 -11.39 -4.63 -12.97
N VAL C 86 -10.76 -5.13 -11.92
CA VAL C 86 -11.44 -5.71 -10.77
C VAL C 86 -11.18 -4.82 -9.57
N TYR C 87 -12.23 -4.55 -8.80
CA TYR C 87 -12.19 -3.54 -7.75
C TYR C 87 -12.39 -4.20 -6.39
N PHE C 88 -11.49 -3.91 -5.46
CA PHE C 88 -11.52 -4.45 -4.10
C PHE C 88 -11.77 -3.34 -3.10
N CYS C 89 -12.56 -3.65 -2.08
CA CYS C 89 -12.70 -2.77 -0.92
C CYS C 89 -11.80 -3.28 0.19
N GLN C 90 -11.34 -2.36 1.03
CA GLN C 90 -10.35 -2.68 2.05
C GLN C 90 -10.70 -1.94 3.33
N GLN C 91 -10.37 -2.56 4.46
CA GLN C 91 -10.72 -2.01 5.78
C GLN C 91 -9.55 -2.26 6.72
N TYR C 92 -8.89 -1.18 7.16
CA TYR C 92 -7.86 -1.27 8.19
C TYR C 92 -8.49 -0.96 9.54
N GLY C 93 -8.29 -1.86 10.49
CA GLY C 93 -8.86 -1.70 11.82
C GLY C 93 -8.29 -2.67 12.83
N ASN C 94 -7.95 -2.15 14.01
CA ASN C 94 -7.37 -2.94 15.10
C ASN C 94 -6.15 -3.71 14.63
N SER C 95 -5.26 -2.98 13.94
CA SER C 95 -3.97 -3.51 13.52
C SER C 95 -4.11 -4.70 12.59
N LEU C 96 -5.12 -4.67 11.72
CA LEU C 96 -5.23 -5.68 10.68
C LEU C 96 -6.05 -5.13 9.52
N TYR C 97 -5.69 -5.55 8.31
CA TYR C 97 -6.45 -5.25 7.10
C TYR C 97 -7.33 -6.44 6.74
N THR C 98 -8.43 -6.16 6.04
CA THR C 98 -9.21 -7.18 5.36
C THR C 98 -9.59 -6.63 3.98
N PHE C 99 -9.76 -7.55 3.03
CA PHE C 99 -10.16 -7.18 1.68
C PHE C 99 -11.54 -7.73 1.38
N GLY C 100 -11.99 -7.51 0.13
CA GLY C 100 -13.28 -7.97 -0.32
C GLY C 100 -13.16 -8.99 -1.42
N GLN C 101 -14.31 -9.56 -1.82
CA GLN C 101 -14.33 -10.56 -2.88
C GLN C 101 -13.80 -9.98 -4.19
N GLY C 102 -14.10 -8.71 -4.44
CA GLY C 102 -13.76 -8.08 -5.70
C GLY C 102 -14.95 -8.01 -6.64
N THR C 103 -14.97 -6.95 -7.44
CA THR C 103 -16.03 -6.73 -8.44
C THR C 103 -15.36 -6.59 -9.79
N LYS C 104 -15.56 -7.57 -10.67
CA LYS C 104 -14.99 -7.52 -12.00
C LYS C 104 -15.90 -6.69 -12.90
N LEU C 105 -15.35 -5.64 -13.50
CA LEU C 105 -16.10 -4.65 -14.25
C LEU C 105 -15.72 -4.73 -15.72
N GLU C 106 -16.69 -5.05 -16.57
CA GLU C 106 -16.51 -5.05 -18.00
C GLU C 106 -17.16 -3.81 -18.61
N ILE C 107 -16.47 -3.21 -19.58
CA ILE C 107 -16.97 -2.05 -20.30
C ILE C 107 -17.54 -2.51 -21.64
N LYS C 108 -18.82 -2.26 -21.85
CA LYS C 108 -19.47 -2.66 -23.09
C LYS C 108 -19.00 -1.76 -24.23
N ARG C 109 -19.46 -2.09 -25.44
CA ARG C 109 -19.17 -1.35 -26.67
C ARG C 109 -20.00 -1.97 -27.77
N THR C 110 -20.10 -1.26 -28.89
CA THR C 110 -20.76 -1.81 -30.06
C THR C 110 -19.99 -3.02 -30.59
N ALA C 111 -20.72 -3.97 -31.14
CA ALA C 111 -20.14 -5.24 -31.54
C ALA C 111 -19.07 -5.05 -32.62
N ALA C 112 -17.98 -5.80 -32.48
CA ALA C 112 -16.90 -5.79 -33.47
C ALA C 112 -16.55 -7.22 -33.82
N ALA C 113 -16.45 -7.49 -35.12
CA ALA C 113 -16.21 -8.84 -35.61
C ALA C 113 -14.74 -9.22 -35.44
N PRO C 114 -14.47 -10.50 -35.16
CA PRO C 114 -13.08 -10.94 -35.02
C PRO C 114 -12.34 -10.95 -36.35
N SER C 115 -11.03 -10.76 -36.27
CA SER C 115 -10.14 -10.84 -37.43
C SER C 115 -9.42 -12.19 -37.35
N VAL C 116 -9.85 -13.13 -38.17
CA VAL C 116 -9.39 -14.52 -38.06
C VAL C 116 -8.09 -14.69 -38.82
N PHE C 117 -7.18 -15.47 -38.24
CA PHE C 117 -5.92 -15.85 -38.87
C PHE C 117 -5.58 -17.27 -38.45
N ILE C 118 -5.03 -18.04 -39.38
CA ILE C 118 -4.66 -19.42 -39.14
C ILE C 118 -3.16 -19.56 -39.35
N PHE C 119 -2.55 -20.45 -38.57
CA PHE C 119 -1.09 -20.56 -38.52
C PHE C 119 -0.68 -22.02 -38.68
N PRO C 120 0.04 -22.37 -39.73
CA PRO C 120 0.53 -23.75 -39.88
C PRO C 120 1.62 -24.06 -38.87
N PRO C 121 1.81 -25.34 -38.53
CA PRO C 121 2.91 -25.71 -37.64
C PRO C 121 4.26 -25.39 -38.27
N SER C 122 5.17 -24.87 -37.46
CA SER C 122 6.45 -24.41 -37.97
C SER C 122 7.34 -25.61 -38.34
N ASP C 123 8.48 -25.31 -38.97
CA ASP C 123 9.35 -26.35 -39.49
C ASP C 123 10.05 -27.10 -38.36
N GLU C 124 10.64 -26.37 -37.41
CA GLU C 124 11.39 -27.03 -36.34
C GLU C 124 10.48 -27.78 -35.39
N GLN C 125 9.23 -27.33 -35.24
CA GLN C 125 8.30 -28.01 -34.34
C GLN C 125 7.95 -29.40 -34.86
N LEU C 126 7.77 -29.52 -36.19
CA LEU C 126 7.49 -30.83 -36.77
C LEU C 126 8.66 -31.79 -36.56
N LYS C 127 9.89 -31.26 -36.61
CA LYS C 127 11.07 -32.10 -36.39
C LYS C 127 11.16 -32.59 -34.96
N SER C 128 10.43 -31.98 -34.03
CA SER C 128 10.46 -32.42 -32.64
C SER C 128 9.54 -33.60 -32.39
N GLY C 129 8.52 -33.78 -33.22
CA GLY C 129 7.59 -34.89 -33.08
C GLY C 129 6.16 -34.51 -32.76
N THR C 130 5.84 -33.22 -32.62
CA THR C 130 4.48 -32.79 -32.34
C THR C 130 4.17 -31.56 -33.16
N ALA C 131 2.94 -31.49 -33.69
CA ALA C 131 2.51 -30.38 -34.53
C ALA C 131 1.30 -29.71 -33.89
N SER C 132 1.28 -28.38 -33.95
CA SER C 132 0.18 -27.60 -33.38
C SER C 132 -0.24 -26.50 -34.36
N VAL C 133 -1.54 -26.43 -34.61
CA VAL C 133 -2.13 -25.39 -35.45
C VAL C 133 -2.81 -24.38 -34.55
N VAL C 134 -2.73 -23.10 -34.93
CA VAL C 134 -3.23 -22.01 -34.11
C VAL C 134 -4.18 -21.15 -34.94
N CYS C 135 -5.37 -20.92 -34.42
CA CYS C 135 -6.32 -19.99 -35.01
C CYS C 135 -6.45 -18.77 -34.10
N LEU C 136 -6.27 -17.59 -34.66
CA LEU C 136 -6.26 -16.34 -33.90
C LEU C 136 -7.45 -15.48 -34.30
N LEU C 137 -8.21 -15.05 -33.30
CA LEU C 137 -9.28 -14.07 -33.47
C LEU C 137 -8.88 -12.81 -32.71
N ASN C 138 -8.67 -11.72 -33.44
CA ASN C 138 -8.07 -10.52 -32.88
C ASN C 138 -9.10 -9.40 -32.80
N ASN C 139 -9.15 -8.73 -31.65
CA ASN C 139 -9.94 -7.52 -31.43
C ASN C 139 -11.41 -7.71 -31.82
N PHE C 140 -12.16 -8.38 -30.96
CA PHE C 140 -13.59 -8.61 -31.18
C PHE C 140 -14.35 -8.36 -29.89
N TYR C 141 -15.64 -8.04 -30.05
CA TYR C 141 -16.55 -7.84 -28.95
C TYR C 141 -17.95 -8.14 -29.48
N PRO C 142 -18.81 -8.82 -28.70
CA PRO C 142 -18.64 -9.34 -27.34
C PRO C 142 -17.62 -10.46 -27.19
N ARG C 143 -17.47 -10.95 -25.96
CA ARG C 143 -16.45 -11.94 -25.65
C ARG C 143 -16.79 -13.33 -26.16
N GLU C 144 -18.07 -13.65 -26.33
CA GLU C 144 -18.49 -14.99 -26.71
C GLU C 144 -18.26 -15.24 -28.19
N ALA C 145 -17.60 -16.35 -28.51
CA ALA C 145 -17.34 -16.72 -29.89
C ALA C 145 -17.12 -18.22 -29.97
N LYS C 146 -17.55 -18.82 -31.08
CA LYS C 146 -17.41 -20.25 -31.32
C LYS C 146 -16.32 -20.46 -32.38
N VAL C 147 -15.27 -21.17 -32.01
CA VAL C 147 -14.16 -21.49 -32.90
C VAL C 147 -14.17 -23.01 -33.09
N GLN C 148 -14.58 -23.45 -34.27
CA GLN C 148 -14.76 -24.87 -34.58
C GLN C 148 -13.68 -25.31 -35.56
N TRP C 149 -12.93 -26.34 -35.19
CA TRP C 149 -11.92 -26.91 -36.06
C TRP C 149 -12.52 -28.04 -36.88
N LYS C 150 -12.26 -28.03 -38.18
CA LYS C 150 -12.66 -29.14 -39.05
C LYS C 150 -11.53 -29.43 -40.02
N VAL C 151 -11.06 -30.67 -40.01
CA VAL C 151 -9.96 -31.13 -40.86
C VAL C 151 -10.55 -32.03 -41.92
N ASP C 152 -10.52 -31.58 -43.18
CA ASP C 152 -11.16 -32.28 -44.29
C ASP C 152 -12.63 -32.52 -43.99
N ASN C 153 -13.30 -31.47 -43.54
CA ASN C 153 -14.71 -31.47 -43.13
C ASN C 153 -14.99 -32.41 -41.96
N ALA C 154 -13.96 -32.94 -41.31
CA ALA C 154 -14.12 -33.78 -40.13
C ALA C 154 -13.82 -32.94 -38.89
N LEU C 155 -14.86 -32.68 -38.10
CA LEU C 155 -14.70 -31.89 -36.89
C LEU C 155 -13.78 -32.59 -35.90
N GLN C 156 -12.99 -31.80 -35.18
CA GLN C 156 -12.03 -32.32 -34.21
C GLN C 156 -12.45 -31.88 -32.82
N SER C 157 -12.95 -32.82 -32.03
CA SER C 157 -13.40 -32.56 -30.67
C SER C 157 -12.55 -33.39 -29.71
N GLY C 158 -11.84 -32.71 -28.81
CA GLY C 158 -10.98 -33.36 -27.84
C GLY C 158 -9.51 -32.96 -27.93
N ASN C 159 -9.12 -32.09 -28.85
CA ASN C 159 -7.73 -31.68 -28.99
C ASN C 159 -7.55 -30.16 -29.08
N SER C 160 -8.65 -29.40 -29.05
CA SER C 160 -8.56 -27.94 -29.13
C SER C 160 -8.53 -27.35 -27.72
N GLN C 161 -7.63 -26.39 -27.51
CA GLN C 161 -7.53 -25.67 -26.25
C GLN C 161 -7.60 -24.18 -26.56
N GLU C 162 -8.54 -23.49 -25.92
CA GLU C 162 -8.75 -22.06 -26.16
C GLU C 162 -8.15 -21.23 -25.03
N SER C 163 -7.94 -19.95 -25.33
CA SER C 163 -7.42 -19.00 -24.36
C SER C 163 -7.74 -17.60 -24.88
N VAL C 164 -8.30 -16.76 -24.00
CA VAL C 164 -8.75 -15.42 -24.38
C VAL C 164 -8.04 -14.41 -23.50
N THR C 165 -7.56 -13.34 -24.11
CA THR C 165 -6.89 -12.28 -23.36
C THR C 165 -7.90 -11.53 -22.48
N GLU C 166 -7.38 -10.64 -21.66
CA GLU C 166 -8.23 -9.72 -20.93
C GLU C 166 -8.66 -8.57 -21.86
N GLN C 167 -9.73 -7.89 -21.46
CA GLN C 167 -10.27 -6.81 -22.26
C GLN C 167 -9.22 -5.73 -22.50
N ASP C 168 -9.13 -5.27 -23.73
CA ASP C 168 -8.20 -4.20 -24.06
C ASP C 168 -8.68 -2.89 -23.46
N SER C 169 -7.78 -2.19 -22.77
CA SER C 169 -8.14 -0.99 -22.02
C SER C 169 -8.31 0.25 -22.88
N LYS C 170 -8.41 0.11 -24.21
CA LYS C 170 -8.56 1.27 -25.07
C LYS C 170 -9.74 1.10 -26.03
N ASP C 171 -9.79 -0.02 -26.76
CA ASP C 171 -10.89 -0.30 -27.66
C ASP C 171 -11.92 -1.26 -27.08
N SER C 172 -11.69 -1.76 -25.86
CA SER C 172 -12.64 -2.63 -25.16
C SER C 172 -12.94 -3.90 -25.95
N THR C 173 -11.91 -4.49 -26.54
CA THR C 173 -12.07 -5.69 -27.36
C THR C 173 -11.30 -6.86 -26.75
N TYR C 174 -11.78 -8.06 -27.03
CA TYR C 174 -11.13 -9.29 -26.62
C TYR C 174 -10.39 -9.91 -27.80
N SER C 175 -9.56 -10.90 -27.49
CA SER C 175 -8.85 -11.66 -28.51
C SER C 175 -8.74 -13.11 -28.05
N LEU C 176 -8.87 -14.04 -29.00
CA LEU C 176 -8.93 -15.46 -28.69
C LEU C 176 -7.95 -16.23 -29.56
N SER C 177 -7.44 -17.34 -29.01
CA SER C 177 -6.53 -18.22 -29.72
C SER C 177 -6.94 -19.67 -29.47
N SER C 178 -7.33 -20.36 -30.53
CA SER C 178 -7.66 -21.77 -30.46
C SER C 178 -6.49 -22.59 -31.00
N THR C 179 -5.98 -23.51 -30.19
CA THR C 179 -4.82 -24.31 -30.52
C THR C 179 -5.22 -25.77 -30.68
N LEU C 180 -4.93 -26.33 -31.86
CA LEU C 180 -5.20 -27.73 -32.16
C LEU C 180 -3.89 -28.51 -32.10
N THR C 181 -3.74 -29.35 -31.08
CA THR C 181 -2.50 -30.10 -30.87
C THR C 181 -2.70 -31.54 -31.32
N LEU C 182 -1.75 -32.02 -32.13
CA LEU C 182 -1.78 -33.39 -32.65
C LEU C 182 -0.36 -33.92 -32.75
N SER C 183 -0.25 -35.25 -32.74
CA SER C 183 1.05 -35.88 -32.97
C SER C 183 1.48 -35.69 -34.42
N LYS C 184 2.79 -35.83 -34.66
CA LYS C 184 3.31 -35.69 -36.01
C LYS C 184 2.75 -36.74 -36.95
N ALA C 185 2.26 -37.87 -36.42
CA ALA C 185 1.74 -38.94 -37.27
C ALA C 185 0.32 -38.64 -37.73
N ASP C 186 -0.59 -38.40 -36.79
CA ASP C 186 -1.97 -38.13 -37.14
C ASP C 186 -2.12 -36.86 -37.96
N TYR C 187 -1.17 -35.92 -37.85
CA TYR C 187 -1.21 -34.73 -38.67
C TYR C 187 -0.89 -35.04 -40.12
N GLU C 188 -0.15 -36.13 -40.36
CA GLU C 188 0.22 -36.48 -41.73
C GLU C 188 -0.94 -37.04 -42.52
N LYS C 189 -1.95 -37.62 -41.84
CA LYS C 189 -3.02 -38.34 -42.53
C LYS C 189 -3.79 -37.41 -43.45
N HIS C 190 -4.20 -36.26 -42.95
CA HIS C 190 -5.00 -35.31 -43.70
C HIS C 190 -4.14 -34.14 -44.17
N LYS C 191 -4.68 -33.39 -45.14
CA LYS C 191 -3.93 -32.32 -45.79
C LYS C 191 -4.54 -30.93 -45.67
N VAL C 192 -5.85 -30.83 -45.45
CA VAL C 192 -6.53 -29.54 -45.36
C VAL C 192 -6.95 -29.32 -43.91
N TYR C 193 -6.40 -28.29 -43.28
CA TYR C 193 -6.70 -27.91 -41.90
C TYR C 193 -7.27 -26.50 -41.90
N ALA C 194 -8.51 -26.36 -41.42
CA ALA C 194 -9.23 -25.10 -41.47
C ALA C 194 -9.86 -24.79 -40.12
N CYS C 195 -10.23 -23.53 -39.96
CA CYS C 195 -10.77 -23.01 -38.70
C CYS C 195 -11.98 -22.14 -39.02
N GLU C 196 -13.15 -22.55 -38.53
CA GLU C 196 -14.39 -21.81 -38.76
C GLU C 196 -14.79 -21.05 -37.51
N VAL C 197 -15.23 -19.81 -37.69
CA VAL C 197 -15.49 -18.89 -36.59
C VAL C 197 -16.90 -18.33 -36.73
N THR C 198 -17.66 -18.38 -35.65
CA THR C 198 -18.97 -17.75 -35.56
C THR C 198 -18.95 -16.71 -34.45
N HIS C 199 -19.61 -15.59 -34.68
CA HIS C 199 -19.60 -14.48 -33.73
C HIS C 199 -20.80 -13.59 -34.02
N GLN C 200 -21.15 -12.77 -33.03
CA GLN C 200 -22.30 -11.89 -33.19
C GLN C 200 -22.06 -10.84 -34.27
N GLY C 201 -20.82 -10.40 -34.45
CA GLY C 201 -20.46 -9.45 -35.48
C GLY C 201 -20.19 -10.05 -36.84
N LEU C 202 -20.39 -11.35 -36.99
CA LEU C 202 -20.22 -12.04 -38.27
C LEU C 202 -21.59 -12.48 -38.77
N SER C 203 -22.05 -11.90 -39.88
CA SER C 203 -23.33 -12.26 -40.44
C SER C 203 -23.33 -13.67 -41.02
N SER C 204 -22.15 -14.24 -41.26
CA SER C 204 -22.02 -15.61 -41.74
C SER C 204 -20.69 -16.15 -41.23
N PRO C 205 -20.59 -17.45 -40.97
CA PRO C 205 -19.35 -18.01 -40.44
C PRO C 205 -18.17 -17.78 -41.37
N VAL C 206 -17.01 -17.49 -40.78
CA VAL C 206 -15.78 -17.23 -41.50
C VAL C 206 -14.85 -18.43 -41.30
N THR C 207 -14.45 -19.07 -42.39
CA THR C 207 -13.55 -20.22 -42.34
C THR C 207 -12.27 -19.86 -43.08
N LYS C 208 -11.16 -19.83 -42.36
CA LYS C 208 -9.84 -19.62 -42.94
C LYS C 208 -9.08 -20.94 -42.92
N SER C 209 -8.54 -21.33 -44.07
CA SER C 209 -7.97 -22.65 -44.27
C SER C 209 -6.51 -22.57 -44.70
N PHE C 210 -5.77 -23.64 -44.46
CA PHE C 210 -4.41 -23.80 -44.96
C PHE C 210 -4.23 -25.26 -45.34
N ASN C 211 -3.72 -25.50 -46.54
CA ASN C 211 -3.38 -26.85 -46.97
C ASN C 211 -2.02 -27.23 -46.42
N ARG C 212 -1.79 -28.55 -46.34
CA ARG C 212 -0.61 -29.08 -45.66
C ARG C 212 0.67 -28.49 -46.26
N GLY C 213 0.87 -28.66 -47.56
CA GLY C 213 2.04 -28.11 -48.22
C GLY C 213 1.81 -26.71 -48.75
N GLU C 214 2.56 -25.74 -48.23
CA GLU C 214 2.42 -24.36 -48.65
C GLU C 214 3.68 -23.55 -48.46
N GLN D 1 9.41 8.74 -6.31
CA GLN D 1 9.92 7.72 -7.22
C GLN D 1 10.31 6.47 -6.43
N VAL D 2 9.55 6.17 -5.38
CA VAL D 2 9.80 5.00 -4.56
C VAL D 2 9.27 3.76 -5.28
N GLN D 3 10.08 2.70 -5.31
CA GLN D 3 9.74 1.46 -5.99
C GLN D 3 9.99 0.26 -5.09
N LEU D 4 9.08 -0.71 -5.14
CA LEU D 4 9.22 -1.96 -4.41
C LEU D 4 9.46 -3.09 -5.40
N GLN D 5 10.19 -4.11 -4.95
CA GLN D 5 10.54 -5.24 -5.81
C GLN D 5 10.61 -6.50 -4.97
N GLU D 6 9.67 -7.41 -5.18
CA GLU D 6 9.71 -8.70 -4.50
C GLU D 6 10.70 -9.63 -5.18
N SER D 7 11.25 -10.55 -4.40
CA SER D 7 12.13 -11.58 -4.91
C SER D 7 11.77 -12.89 -4.23
N GLY D 8 11.70 -13.96 -5.02
CA GLY D 8 11.33 -15.24 -4.49
C GLY D 8 11.51 -16.36 -5.49
N PRO D 9 11.75 -17.58 -4.99
CA PRO D 9 11.88 -18.72 -5.89
C PRO D 9 10.57 -19.00 -6.60
N GLY D 10 10.64 -19.18 -7.92
CA GLY D 10 9.44 -19.45 -8.70
C GLY D 10 8.71 -20.70 -8.28
N LEU D 11 9.45 -21.72 -7.84
CA LEU D 11 8.87 -22.97 -7.39
C LEU D 11 9.33 -23.26 -5.97
N GLY D 12 8.38 -23.57 -5.10
CA GLY D 12 8.73 -23.99 -3.76
C GLY D 12 8.36 -25.44 -3.47
N LYS D 13 9.31 -26.24 -3.01
CA LYS D 13 9.03 -27.64 -2.73
C LYS D 13 8.00 -27.72 -1.61
N PRO D 14 6.98 -28.59 -1.73
CA PRO D 14 5.96 -28.68 -0.69
C PRO D 14 6.55 -29.16 0.64
N SER D 15 5.83 -28.85 1.71
CA SER D 15 6.23 -29.20 3.08
C SER D 15 7.58 -28.61 3.46
N GLU D 16 7.97 -27.52 2.82
CA GLU D 16 9.22 -26.82 3.09
C GLU D 16 8.93 -25.42 3.62
N THR D 17 10.00 -24.67 3.85
CA THR D 17 9.90 -23.27 4.23
C THR D 17 10.11 -22.40 2.99
N LEU D 18 9.25 -21.41 2.80
CA LEU D 18 9.27 -20.54 1.65
C LEU D 18 9.70 -19.14 2.08
N SER D 19 10.61 -18.53 1.33
CA SER D 19 11.13 -17.21 1.70
C SER D 19 11.01 -16.27 0.51
N LEU D 20 10.42 -15.11 0.75
CA LEU D 20 10.34 -14.03 -0.23
C LEU D 20 10.97 -12.78 0.36
N SER D 21 11.47 -11.91 -0.51
CA SER D 21 12.18 -10.71 -0.08
C SER D 21 11.70 -9.51 -0.89
N CYS D 22 11.33 -8.44 -0.17
CA CYS D 22 10.92 -7.18 -0.77
C CYS D 22 12.05 -6.17 -0.59
N THR D 23 12.41 -5.48 -1.68
CA THR D 23 13.53 -4.53 -1.66
C THR D 23 13.00 -3.14 -2.02
N VAL D 24 13.07 -2.23 -1.06
CA VAL D 24 12.58 -0.86 -1.24
C VAL D 24 13.70 -0.01 -1.84
N SER D 25 13.37 0.77 -2.87
CA SER D 25 14.31 1.67 -3.52
C SER D 25 13.74 3.07 -3.54
N GLY D 26 14.62 4.06 -3.50
CA GLY D 26 14.20 5.45 -3.57
C GLY D 26 13.47 5.97 -2.35
N ALA D 27 13.49 5.23 -1.24
CA ALA D 27 12.86 5.69 0.00
C ALA D 27 13.37 4.83 1.14
N SER D 28 13.47 5.44 2.32
CA SER D 28 13.96 4.73 3.49
C SER D 28 12.83 3.94 4.14
N ILE D 29 13.12 2.68 4.47
CA ILE D 29 12.14 1.83 5.15
C ILE D 29 11.75 2.42 6.50
N ARG D 30 12.68 3.14 7.14
CA ARG D 30 12.45 3.64 8.49
C ARG D 30 11.19 4.47 8.57
N GLY D 31 10.33 4.16 9.53
CA GLY D 31 9.19 4.99 9.88
C GLY D 31 7.87 4.59 9.26
N TYR D 32 7.87 3.65 8.32
CA TYR D 32 6.66 3.21 7.65
C TYR D 32 6.30 1.80 8.08
N PHE D 33 5.06 1.40 7.81
CA PHE D 33 4.60 0.02 7.90
C PHE D 33 4.70 -0.63 6.53
N TRP D 34 5.01 -1.93 6.52
CA TRP D 34 5.22 -2.66 5.27
C TRP D 34 4.43 -3.97 5.32
N ASN D 35 3.54 -4.15 4.35
CA ASN D 35 2.61 -5.25 4.33
C ASN D 35 3.09 -6.38 3.41
N TRP D 36 2.47 -7.54 3.59
CA TRP D 36 2.65 -8.68 2.68
C TRP D 36 1.27 -9.15 2.25
N ILE D 37 1.00 -9.07 0.95
CA ILE D 37 -0.29 -9.48 0.39
C ILE D 37 -0.02 -10.61 -0.58
N ARG D 38 -0.89 -11.62 -0.55
CA ARG D 38 -0.80 -12.72 -1.50
C ARG D 38 -2.14 -12.92 -2.19
N GLN D 39 -2.09 -13.43 -3.42
CA GLN D 39 -3.26 -13.51 -4.29
C GLN D 39 -3.21 -14.81 -5.09
N PRO D 40 -3.95 -15.83 -4.68
CA PRO D 40 -4.01 -17.07 -5.48
C PRO D 40 -4.53 -16.78 -6.87
N PRO D 41 -3.95 -17.41 -7.90
CA PRO D 41 -4.27 -17.04 -9.29
C PRO D 41 -5.76 -17.10 -9.60
N GLY D 42 -6.35 -15.94 -9.88
CA GLY D 42 -7.77 -15.86 -10.18
C GLY D 42 -8.68 -15.74 -8.98
N LYS D 43 -8.20 -15.18 -7.88
CA LYS D 43 -9.01 -15.06 -6.66
C LYS D 43 -8.64 -13.75 -5.97
N GLY D 44 -9.32 -13.50 -4.85
CA GLY D 44 -9.16 -12.24 -4.15
C GLY D 44 -7.84 -12.11 -3.43
N LEU D 45 -7.63 -10.92 -2.88
CA LEU D 45 -6.41 -10.62 -2.15
C LEU D 45 -6.54 -11.08 -0.70
N GLU D 46 -5.44 -11.61 -0.16
CA GLU D 46 -5.36 -11.98 1.24
C GLU D 46 -4.18 -11.28 1.89
N TRP D 47 -4.44 -10.63 3.01
CA TRP D 47 -3.41 -9.89 3.75
C TRP D 47 -2.68 -10.86 4.66
N ILE D 48 -1.36 -10.96 4.49
CA ILE D 48 -0.58 -11.88 5.30
C ILE D 48 -0.18 -11.23 6.63
N GLY D 49 0.27 -9.99 6.59
CA GLY D 49 0.72 -9.33 7.79
C GLY D 49 1.41 -8.03 7.46
N TYR D 50 1.87 -7.35 8.51
CA TYR D 50 2.54 -6.08 8.34
C TYR D 50 3.66 -5.99 9.38
N ILE D 51 4.56 -5.04 9.20
CA ILE D 51 5.71 -4.90 10.09
C ILE D 51 6.20 -3.47 10.03
N HIS D 52 6.51 -2.92 11.20
CA HIS D 52 7.09 -1.59 11.30
C HIS D 52 8.61 -1.66 11.18
N SER D 53 9.21 -0.51 10.86
CA SER D 53 10.66 -0.46 10.74
C SER D 53 11.36 -0.77 12.05
N THR D 54 10.74 -0.41 13.17
CA THR D 54 11.31 -0.77 14.48
C THR D 54 11.38 -2.28 14.64
N GLY D 55 10.28 -2.98 14.34
CA GLY D 55 10.29 -4.43 14.39
C GLY D 55 8.98 -5.05 14.82
N SER D 56 8.11 -4.26 15.42
CA SER D 56 6.84 -4.79 15.93
C SER D 56 5.97 -5.29 14.78
N THR D 57 5.41 -6.48 14.95
CA THR D 57 4.67 -7.15 13.89
C THR D 57 3.31 -7.63 14.39
N ASN D 58 2.32 -7.59 13.50
CA ASN D 58 1.05 -8.27 13.71
C ASN D 58 0.65 -8.91 12.40
N TYR D 59 0.17 -10.15 12.46
CA TYR D 59 -0.11 -10.94 11.27
C TYR D 59 -1.60 -11.25 11.18
N ASN D 60 -1.98 -11.80 10.03
CA ASN D 60 -3.35 -12.25 9.82
C ASN D 60 -3.71 -13.31 10.85
N PRO D 61 -4.87 -13.22 11.50
CA PRO D 61 -5.25 -14.23 12.49
C PRO D 61 -5.17 -15.66 11.98
N SER D 62 -5.61 -15.91 10.73
CA SER D 62 -5.65 -17.27 10.21
C SER D 62 -4.28 -17.80 9.81
N LEU D 63 -3.27 -16.94 9.72
CA LEU D 63 -1.96 -17.37 9.23
C LEU D 63 -0.81 -17.09 10.19
N LYS D 64 -1.09 -16.57 11.39
CA LYS D 64 -0.01 -16.12 12.27
C LYS D 64 0.94 -17.25 12.66
N SER D 65 0.47 -18.50 12.62
CA SER D 65 1.30 -19.62 13.06
C SER D 65 2.33 -20.01 12.01
N ARG D 66 1.95 -20.03 10.73
CA ARG D 66 2.82 -20.49 9.67
C ARG D 66 3.64 -19.38 9.04
N VAL D 67 3.62 -18.17 9.59
CA VAL D 67 4.24 -17.02 8.95
C VAL D 67 5.11 -16.30 9.96
N THR D 68 6.10 -15.56 9.43
CA THR D 68 6.98 -14.72 10.24
C THR D 68 7.59 -13.68 9.32
N ILE D 69 7.35 -12.41 9.62
CA ILE D 69 7.86 -11.31 8.80
C ILE D 69 9.03 -10.67 9.52
N SER D 70 10.01 -10.21 8.74
CA SER D 70 11.23 -9.63 9.30
C SER D 70 11.71 -8.51 8.41
N VAL D 71 12.39 -7.53 9.03
CA VAL D 71 12.90 -6.36 8.33
C VAL D 71 14.38 -6.21 8.64
N ASP D 72 15.14 -5.73 7.66
CA ASP D 72 16.57 -5.46 7.81
C ASP D 72 16.83 -4.05 7.29
N THR D 73 17.03 -3.10 8.21
CA THR D 73 17.22 -1.72 7.83
C THR D 73 18.59 -1.46 7.20
N SER D 74 19.58 -2.30 7.49
CA SER D 74 20.90 -2.12 6.89
C SER D 74 20.90 -2.50 5.41
N LYS D 75 20.01 -3.41 5.00
CA LYS D 75 19.86 -3.80 3.61
C LYS D 75 18.67 -3.15 2.93
N ASN D 76 17.81 -2.47 3.69
CA ASN D 76 16.58 -1.84 3.19
C ASN D 76 15.69 -2.88 2.50
N GLN D 77 15.35 -3.92 3.25
CA GLN D 77 14.53 -5.02 2.75
C GLN D 77 13.56 -5.47 3.84
N VAL D 78 12.46 -6.08 3.39
CA VAL D 78 11.49 -6.73 4.27
C VAL D 78 11.29 -8.15 3.76
N SER D 79 11.45 -9.13 4.64
CA SER D 79 11.43 -10.53 4.26
C SER D 79 10.18 -11.21 4.81
N LEU D 80 9.76 -12.27 4.13
CA LEU D 80 8.58 -13.04 4.50
C LEU D 80 8.92 -14.52 4.38
N ASN D 81 8.61 -15.29 5.43
CA ASN D 81 8.83 -16.72 5.43
C ASN D 81 7.53 -17.44 5.76
N VAL D 82 7.18 -18.42 4.93
CA VAL D 82 6.00 -19.25 5.11
C VAL D 82 6.46 -20.69 5.27
N ASN D 83 6.08 -21.33 6.37
CA ASN D 83 6.48 -22.69 6.67
C ASN D 83 5.31 -23.65 6.46
N SER D 84 5.65 -24.94 6.33
CA SER D 84 4.66 -25.99 6.09
C SER D 84 3.86 -25.70 4.82
N VAL D 85 4.58 -25.43 3.73
CA VAL D 85 3.96 -24.91 2.52
C VAL D 85 3.17 -26.00 1.82
N THR D 86 1.91 -25.72 1.50
CA THR D 86 1.04 -26.62 0.77
C THR D 86 0.75 -26.04 -0.62
N ALA D 87 -0.20 -26.64 -1.33
CA ALA D 87 -0.55 -26.18 -2.66
C ALA D 87 -1.45 -24.96 -2.63
N ALA D 88 -2.14 -24.71 -1.52
CA ALA D 88 -2.97 -23.51 -1.42
C ALA D 88 -2.13 -22.25 -1.38
N ASP D 89 -0.92 -22.32 -0.82
CA ASP D 89 -0.03 -21.17 -0.73
C ASP D 89 0.57 -20.79 -2.08
N THR D 90 0.21 -21.48 -3.17
CA THR D 90 0.59 -21.05 -4.50
C THR D 90 -0.16 -19.78 -4.85
N ALA D 91 0.58 -18.69 -5.04
CA ALA D 91 -0.02 -17.39 -5.29
C ALA D 91 1.07 -16.44 -5.77
N VAL D 92 0.64 -15.24 -6.15
CA VAL D 92 1.55 -14.13 -6.38
C VAL D 92 1.61 -13.32 -5.09
N TYR D 93 2.82 -12.94 -4.68
CA TYR D 93 3.06 -12.33 -3.38
C TYR D 93 3.49 -10.88 -3.55
N PHE D 94 2.78 -9.98 -2.89
CA PHE D 94 3.01 -8.54 -2.96
C PHE D 94 3.51 -8.01 -1.63
N CYS D 95 4.32 -6.96 -1.70
CA CYS D 95 4.62 -6.13 -0.54
C CYS D 95 4.09 -4.73 -0.81
N ALA D 96 3.50 -4.13 0.22
CA ALA D 96 2.84 -2.84 0.06
C ALA D 96 3.19 -1.95 1.24
N ARG D 97 3.17 -0.64 0.99
CA ARG D 97 3.51 0.37 1.99
C ARG D 97 2.21 0.98 2.51
N GLY D 98 1.73 0.45 3.63
CA GLY D 98 0.55 1.00 4.27
C GLY D 98 0.90 2.06 5.29
N ALA D 99 0.85 3.33 4.89
CA ALA D 99 1.32 4.43 5.73
C ALA D 99 0.19 5.41 6.01
N TRP D 100 0.28 6.05 7.18
CA TRP D 100 -0.69 7.07 7.56
C TRP D 100 -0.61 8.28 6.63
N ASN D 101 0.60 8.78 6.38
CA ASN D 101 0.81 9.79 5.37
C ASN D 101 2.28 9.83 5.00
N VAL D 102 2.56 10.15 3.74
CA VAL D 102 3.93 10.35 3.26
C VAL D 102 4.03 11.79 2.75
N ALA D 103 5.07 12.50 3.19
CA ALA D 103 5.27 13.91 2.88
C ALA D 103 3.94 14.64 3.14
N THR D 104 3.44 15.41 2.19
CA THR D 104 2.19 16.15 2.40
C THR D 104 0.95 15.35 2.02
N VAL D 105 1.11 14.20 1.40
CA VAL D 105 -0.01 13.38 0.93
C VAL D 105 -0.48 12.48 2.05
N TYR D 106 -1.77 12.54 2.35
CA TYR D 106 -2.38 11.62 3.32
C TYR D 106 -2.87 10.39 2.59
N TYR D 107 -2.50 9.21 3.09
CA TYR D 107 -3.00 7.95 2.56
C TYR D 107 -3.86 7.18 3.55
N TYR D 108 -4.01 7.67 4.78
CA TYR D 108 -4.94 7.13 5.77
C TYR D 108 -4.84 5.61 5.85
N TYR D 109 -3.60 5.13 5.93
CA TYR D 109 -3.26 3.71 6.02
C TYR D 109 -3.74 2.91 4.82
N GLY D 110 -4.04 3.59 3.71
CA GLY D 110 -4.22 2.91 2.45
C GLY D 110 -2.87 2.62 1.81
N MET D 111 -2.77 1.45 1.18
CA MET D 111 -1.51 1.01 0.59
C MET D 111 -1.31 1.72 -0.75
N ASP D 112 -0.37 2.66 -0.79
CA ASP D 112 -0.14 3.46 -1.99
C ASP D 112 0.81 2.76 -2.97
N VAL D 113 1.95 2.27 -2.47
CA VAL D 113 3.00 1.71 -3.30
C VAL D 113 3.02 0.20 -3.12
N TRP D 114 2.98 -0.53 -4.23
CA TRP D 114 3.06 -1.99 -4.24
C TRP D 114 4.27 -2.44 -5.05
N GLY D 115 4.66 -3.69 -4.85
CA GLY D 115 5.67 -4.31 -5.67
C GLY D 115 5.09 -4.72 -7.02
N GLN D 116 5.93 -5.40 -7.80
CA GLN D 116 5.45 -5.97 -9.06
C GLN D 116 4.78 -7.33 -8.86
N GLY D 117 4.99 -7.96 -7.71
CA GLY D 117 4.45 -9.28 -7.46
C GLY D 117 5.37 -10.38 -7.95
N THR D 118 5.54 -11.42 -7.15
CA THR D 118 6.34 -12.59 -7.51
C THR D 118 5.46 -13.82 -7.41
N LEU D 119 5.35 -14.57 -8.51
CA LEU D 119 4.55 -15.77 -8.53
C LEU D 119 5.34 -16.92 -7.93
N VAL D 120 4.70 -17.69 -7.05
CA VAL D 120 5.31 -18.84 -6.40
C VAL D 120 4.39 -20.03 -6.61
N THR D 121 4.85 -21.03 -7.37
CA THR D 121 4.11 -22.26 -7.59
C THR D 121 4.65 -23.34 -6.67
N VAL D 122 3.76 -24.02 -5.96
CA VAL D 122 4.14 -25.06 -5.00
C VAL D 122 3.77 -26.40 -5.61
N SER D 123 4.78 -27.18 -6.00
CA SER D 123 4.55 -28.47 -6.61
C SER D 123 5.76 -29.36 -6.34
N SER D 124 5.51 -30.67 -6.34
CA SER D 124 6.61 -31.61 -6.19
C SER D 124 7.45 -31.69 -7.45
N ALA D 125 6.88 -31.36 -8.60
CA ALA D 125 7.58 -31.41 -9.87
C ALA D 125 8.71 -30.38 -9.90
N SER D 126 9.53 -30.45 -10.94
CA SER D 126 10.72 -29.63 -11.06
C SER D 126 10.60 -28.70 -12.27
N PHE D 127 11.63 -27.89 -12.47
CA PHE D 127 11.68 -26.92 -13.56
C PHE D 127 11.68 -27.62 -14.91
N LYS D 128 11.26 -26.88 -15.93
CA LYS D 128 11.25 -27.39 -17.29
C LYS D 128 11.31 -26.21 -18.24
N GLY D 129 12.37 -26.13 -19.04
CA GLY D 129 12.55 -25.04 -19.97
C GLY D 129 11.56 -25.08 -21.10
N PRO D 130 11.25 -23.92 -21.68
CA PRO D 130 10.31 -23.86 -22.79
C PRO D 130 10.99 -23.99 -24.15
N SER D 131 10.17 -24.20 -25.16
CA SER D 131 10.62 -24.26 -26.54
C SER D 131 9.77 -23.31 -27.37
N VAL D 132 10.41 -22.52 -28.23
CA VAL D 132 9.74 -21.51 -29.04
C VAL D 132 9.68 -21.96 -30.49
N PHE D 133 8.53 -21.71 -31.13
CA PHE D 133 8.30 -22.04 -32.52
C PHE D 133 7.55 -20.86 -33.13
N PRO D 134 7.99 -20.36 -34.28
CA PRO D 134 7.36 -19.15 -34.83
C PRO D 134 5.94 -19.43 -35.33
N LEU D 135 5.21 -18.33 -35.55
CA LEU D 135 3.86 -18.36 -36.09
C LEU D 135 3.88 -17.55 -37.39
N ALA D 136 3.88 -18.25 -38.52
CA ALA D 136 3.94 -17.62 -39.83
C ALA D 136 2.96 -18.30 -40.77
N PRO D 137 2.22 -17.53 -41.57
CA PRO D 137 1.23 -18.13 -42.46
C PRO D 137 1.85 -18.55 -43.79
N SER D 138 1.01 -19.17 -44.62
CA SER D 138 1.35 -19.32 -46.02
C SER D 138 1.38 -17.93 -46.67
N SER D 139 2.40 -17.70 -47.51
CA SER D 139 2.74 -16.35 -47.96
C SER D 139 1.54 -15.58 -48.47
N LYS D 140 1.47 -14.30 -48.09
CA LYS D 140 0.37 -13.42 -48.49
C LYS D 140 0.81 -11.98 -48.28
N SER D 141 0.03 -11.06 -48.85
CA SER D 141 0.32 -9.63 -48.74
C SER D 141 -0.92 -8.80 -49.03
N GLY D 145 -2.46 -5.01 -47.41
CA GLY D 145 -3.42 -5.18 -46.32
C GLY D 145 -2.71 -5.15 -44.97
N THR D 146 -3.15 -6.00 -44.05
CA THR D 146 -2.54 -6.12 -42.73
C THR D 146 -2.33 -7.60 -42.41
N ALA D 147 -1.15 -7.93 -41.92
CA ALA D 147 -0.78 -9.30 -41.61
C ALA D 147 -0.56 -9.47 -40.11
N ALA D 148 -0.51 -10.73 -39.69
CA ALA D 148 -0.33 -11.08 -38.28
C ALA D 148 0.73 -12.16 -38.15
N LEU D 149 1.52 -12.06 -37.09
CA LEU D 149 2.57 -13.03 -36.84
C LEU D 149 2.74 -13.17 -35.33
N GLY D 150 3.59 -14.11 -34.92
CA GLY D 150 3.84 -14.28 -33.51
C GLY D 150 4.75 -15.46 -33.24
N CYS D 151 4.88 -15.77 -31.95
CA CYS D 151 5.66 -16.91 -31.48
C CYS D 151 4.77 -17.84 -30.66
N LEU D 152 5.26 -19.06 -30.46
CA LEU D 152 4.58 -20.06 -29.65
C LEU D 152 5.55 -20.59 -28.60
N VAL D 153 5.11 -20.59 -27.35
CA VAL D 153 5.93 -21.06 -26.22
C VAL D 153 5.25 -22.30 -25.66
N LYS D 154 5.87 -23.46 -25.87
CA LYS D 154 5.26 -24.73 -25.53
C LYS D 154 6.08 -25.46 -24.47
N ASP D 155 5.37 -26.16 -23.58
CA ASP D 155 5.97 -27.07 -22.61
C ASP D 155 6.94 -26.37 -21.68
N TYR D 156 6.42 -25.73 -20.64
CA TYR D 156 7.25 -25.13 -19.59
C TYR D 156 6.56 -25.29 -18.25
N PHE D 157 7.35 -25.12 -17.19
CA PHE D 157 6.86 -25.17 -15.82
C PHE D 157 7.88 -24.55 -14.88
N PRO D 158 7.47 -23.72 -13.91
CA PRO D 158 6.09 -23.28 -13.71
C PRO D 158 5.80 -21.91 -14.28
N GLU D 159 4.58 -21.44 -14.08
CA GLU D 159 4.23 -20.08 -14.42
C GLU D 159 5.10 -19.12 -13.62
N PRO D 160 5.50 -17.96 -14.17
CA PRO D 160 5.18 -17.43 -15.50
C PRO D 160 6.35 -17.38 -16.48
N VAL D 161 6.05 -16.97 -17.71
CA VAL D 161 7.05 -16.65 -18.72
C VAL D 161 6.70 -15.30 -19.31
N THR D 162 7.70 -14.43 -19.43
CA THR D 162 7.52 -13.08 -19.95
C THR D 162 8.05 -13.03 -21.38
N VAL D 163 7.17 -12.68 -22.32
CA VAL D 163 7.51 -12.59 -23.73
C VAL D 163 7.44 -11.12 -24.15
N SER D 164 8.46 -10.68 -24.89
CA SER D 164 8.54 -9.33 -25.41
C SER D 164 8.87 -9.38 -26.90
N TRP D 165 8.60 -8.28 -27.59
CA TRP D 165 8.77 -8.21 -29.04
C TRP D 165 9.76 -7.11 -29.38
N ASN D 166 10.85 -7.47 -30.05
CA ASN D 166 11.88 -6.54 -30.48
C ASN D 166 12.43 -5.73 -29.30
N SER D 167 12.61 -6.40 -28.17
CA SER D 167 13.20 -5.81 -26.96
C SER D 167 12.43 -4.56 -26.53
N GLY D 168 11.11 -4.69 -26.45
CA GLY D 168 10.25 -3.62 -26.00
C GLY D 168 9.94 -2.56 -27.03
N ALA D 169 10.54 -2.63 -28.22
CA ALA D 169 10.27 -1.62 -29.24
C ALA D 169 8.85 -1.77 -29.80
N LEU D 170 8.39 -3.01 -29.96
CA LEU D 170 7.06 -3.29 -30.50
C LEU D 170 6.10 -3.49 -29.33
N THR D 171 5.28 -2.47 -29.06
CA THR D 171 4.25 -2.55 -28.03
C THR D 171 2.84 -2.55 -28.60
N SER D 172 2.64 -1.93 -29.75
CA SER D 172 1.31 -1.79 -30.32
C SER D 172 0.80 -3.13 -30.86
N GLY D 173 -0.48 -3.40 -30.61
CA GLY D 173 -1.15 -4.56 -31.14
C GLY D 173 -0.48 -5.89 -30.82
N VAL D 174 0.16 -5.97 -29.67
CA VAL D 174 0.83 -7.19 -29.23
C VAL D 174 -0.04 -7.85 -28.18
N HIS D 175 -0.62 -9.00 -28.51
CA HIS D 175 -1.42 -9.77 -27.58
C HIS D 175 -0.69 -11.07 -27.27
N THR D 176 -0.23 -11.21 -26.03
CA THR D 176 0.43 -12.42 -25.56
C THR D 176 -0.56 -13.18 -24.69
N PHE D 177 -0.94 -14.36 -25.14
CA PHE D 177 -2.10 -15.05 -24.59
C PHE D 177 -1.78 -15.68 -23.22
N PRO D 178 -2.78 -15.78 -22.34
CA PRO D 178 -2.54 -16.42 -21.04
C PRO D 178 -2.14 -17.87 -21.21
N ALA D 179 -1.52 -18.40 -20.15
CA ALA D 179 -1.07 -19.78 -20.17
C ALA D 179 -2.25 -20.74 -20.21
N VAL D 180 -2.03 -21.90 -20.82
CA VAL D 180 -3.02 -22.98 -20.87
C VAL D 180 -2.36 -24.25 -20.36
N LEU D 181 -2.96 -24.88 -19.36
CA LEU D 181 -2.40 -26.08 -18.76
C LEU D 181 -2.81 -27.29 -19.60
N GLN D 182 -1.86 -27.82 -20.37
CA GLN D 182 -2.15 -28.96 -21.23
C GLN D 182 -2.35 -30.22 -20.40
N SER D 183 -2.71 -31.31 -21.10
CA SER D 183 -2.86 -32.59 -20.44
C SER D 183 -1.53 -33.11 -19.91
N SER D 184 -0.43 -32.71 -20.54
CA SER D 184 0.90 -33.17 -20.11
C SER D 184 1.27 -32.66 -18.72
N GLY D 185 0.63 -31.59 -18.25
CA GLY D 185 0.99 -30.95 -17.01
C GLY D 185 1.89 -29.74 -17.16
N LEU D 186 2.42 -29.51 -18.36
CA LEU D 186 3.23 -28.33 -18.64
C LEU D 186 2.35 -27.25 -19.26
N TYR D 187 2.77 -25.99 -19.07
CA TYR D 187 2.01 -24.87 -19.58
C TYR D 187 2.42 -24.54 -21.02
N SER D 188 1.57 -23.78 -21.69
CA SER D 188 1.82 -23.39 -23.08
C SER D 188 1.00 -22.16 -23.42
N LEU D 189 1.65 -21.14 -23.98
CA LEU D 189 0.98 -19.92 -24.42
C LEU D 189 1.54 -19.54 -25.78
N SER D 190 1.03 -18.43 -26.32
CA SER D 190 1.47 -17.93 -27.61
C SER D 190 1.28 -16.43 -27.65
N SER D 191 2.21 -15.74 -28.30
CA SER D 191 2.13 -14.32 -28.53
C SER D 191 1.85 -14.05 -30.01
N VAL D 192 1.13 -12.96 -30.28
CA VAL D 192 0.82 -12.55 -31.64
C VAL D 192 0.96 -11.04 -31.74
N VAL D 193 1.05 -10.55 -32.97
CA VAL D 193 1.10 -9.11 -33.23
C VAL D 193 0.64 -8.83 -34.66
N THR D 194 -0.24 -7.85 -34.81
CA THR D 194 -0.68 -7.40 -36.12
C THR D 194 0.32 -6.37 -36.65
N VAL D 195 0.87 -6.63 -37.83
CA VAL D 195 1.91 -5.80 -38.44
C VAL D 195 1.42 -5.33 -39.80
N PRO D 196 1.65 -4.07 -40.17
CA PRO D 196 1.30 -3.63 -41.53
C PRO D 196 2.01 -4.47 -42.59
N SER D 197 1.24 -4.95 -43.56
CA SER D 197 1.78 -5.80 -44.60
C SER D 197 2.72 -5.06 -45.54
N SER D 198 2.60 -3.74 -45.63
CA SER D 198 3.48 -2.96 -46.50
C SER D 198 4.91 -2.98 -45.96
N SER D 199 5.08 -2.61 -44.70
CA SER D 199 6.40 -2.55 -44.09
C SER D 199 6.75 -3.89 -43.47
N LEU D 200 6.24 -4.97 -44.08
CA LEU D 200 6.44 -6.28 -43.50
C LEU D 200 7.90 -6.70 -43.59
N GLY D 201 8.52 -6.51 -44.75
CA GLY D 201 9.90 -6.93 -44.90
C GLY D 201 10.94 -5.88 -44.54
N THR D 202 10.50 -4.68 -44.14
CA THR D 202 11.46 -3.62 -43.81
C THR D 202 12.16 -3.88 -42.49
N GLN D 203 11.43 -4.31 -41.47
CA GLN D 203 11.97 -4.54 -40.14
C GLN D 203 11.81 -6.00 -39.75
N THR D 204 12.93 -6.64 -39.42
CA THR D 204 12.86 -8.00 -38.90
C THR D 204 12.21 -8.02 -37.52
N TYR D 205 11.52 -9.11 -37.22
CA TYR D 205 10.73 -9.24 -36.00
C TYR D 205 11.26 -10.43 -35.21
N ILE D 206 11.70 -10.17 -33.97
CA ILE D 206 12.32 -11.18 -33.12
C ILE D 206 11.59 -11.22 -31.79
N CYS D 207 11.46 -12.42 -31.23
CA CYS D 207 10.85 -12.61 -29.92
C CYS D 207 11.87 -12.46 -28.80
N ASN D 208 11.37 -12.08 -27.62
CA ASN D 208 12.19 -11.92 -26.42
C ASN D 208 11.46 -12.64 -25.28
N VAL D 209 11.56 -13.98 -25.26
CA VAL D 209 10.96 -14.78 -24.21
C VAL D 209 11.95 -14.90 -23.07
N ASN D 210 11.43 -15.13 -21.86
CA ASN D 210 12.26 -15.22 -20.66
C ASN D 210 11.53 -16.06 -19.62
N HIS D 211 12.16 -17.15 -19.20
CA HIS D 211 11.62 -18.03 -18.18
C HIS D 211 12.62 -18.05 -17.01
N LYS D 212 12.29 -17.31 -15.96
CA LYS D 212 13.19 -17.15 -14.81
C LYS D 212 13.42 -18.45 -14.03
N PRO D 213 12.39 -19.28 -13.77
CA PRO D 213 12.65 -20.49 -12.97
C PRO D 213 13.68 -21.43 -13.56
N SER D 214 13.78 -21.50 -14.89
CA SER D 214 14.76 -22.37 -15.54
C SER D 214 15.93 -21.60 -16.14
N ASN D 215 15.92 -20.26 -16.04
CA ASN D 215 17.00 -19.40 -16.54
C ASN D 215 17.23 -19.62 -18.04
N THR D 216 16.25 -19.15 -18.81
CA THR D 216 16.31 -19.19 -20.27
C THR D 216 15.82 -17.86 -20.82
N LYS D 217 16.54 -17.34 -21.82
CA LYS D 217 16.16 -16.08 -22.47
C LYS D 217 16.64 -16.16 -23.92
N VAL D 218 15.90 -16.93 -24.72
CA VAL D 218 16.23 -17.16 -26.11
C VAL D 218 15.44 -16.21 -26.98
N ASP D 219 15.93 -15.98 -28.20
CA ASP D 219 15.33 -15.04 -29.13
C ASP D 219 15.13 -15.73 -30.48
N LYS D 220 13.93 -15.61 -31.03
CA LYS D 220 13.59 -16.24 -32.31
C LYS D 220 13.03 -15.19 -33.26
N LYS D 221 13.57 -15.13 -34.47
CA LYS D 221 13.10 -14.20 -35.47
C LYS D 221 11.90 -14.77 -36.21
N VAL D 222 11.24 -13.92 -37.00
CA VAL D 222 10.06 -14.29 -37.78
C VAL D 222 10.32 -13.96 -39.24
N GLU D 223 9.96 -14.89 -40.11
CA GLU D 223 10.23 -14.73 -41.55
C GLU D 223 9.37 -13.61 -42.11
N PRO D 224 9.94 -12.67 -42.89
CA PRO D 224 9.13 -11.60 -43.48
C PRO D 224 8.16 -12.11 -44.54
N LYS D 225 8.70 -12.77 -45.57
CA LYS D 225 7.91 -13.24 -46.72
C LYS D 225 7.17 -12.08 -47.39
N SER D 226 7.97 -11.08 -47.79
CA SER D 226 7.44 -9.84 -48.35
C SER D 226 6.60 -10.09 -49.60
C1 NAG E . -8.47 20.69 19.18
C2 NAG E . -7.81 21.78 18.33
C3 NAG E . -8.87 22.73 17.76
C4 NAG E . -9.94 21.94 17.00
C5 NAG E . -10.52 20.85 17.91
C6 NAG E . -11.51 19.95 17.21
C7 NAG E . -5.53 22.30 19.05
C8 NAG E . -4.67 23.18 19.92
N2 NAG E . -6.84 22.53 19.11
O3 NAG E . -8.26 23.68 16.89
O4 NAG E . -10.98 22.81 16.60
O5 NAG E . -9.47 20.01 18.39
O6 NAG E . -10.95 19.36 16.04
O7 NAG E . -5.05 21.43 18.33
C1 NAG E . -11.46 22.96 15.32
C2 NAG E . -12.95 23.19 15.12
C3 NAG E . -13.34 22.92 13.66
C4 NAG E . -12.46 23.73 12.73
C5 NAG E . -10.99 23.46 13.03
C6 NAG E . -10.05 24.32 12.21
C7 NAG E . -14.25 22.78 17.18
C8 NAG E . -15.03 21.76 17.96
N2 NAG E . -13.73 22.34 16.02
O3 NAG E . -14.70 23.27 13.48
O4 NAG E . -12.74 23.38 11.38
O5 NAG E . -10.72 23.77 14.41
O6 NAG E . -10.44 25.68 12.19
O7 NAG E . -14.10 23.93 17.56
C1 BMA E . -13.54 24.10 10.51
C2 BMA E . -13.25 23.80 9.03
C3 BMA E . -14.32 24.44 8.13
C4 BMA E . -15.74 24.17 8.65
C5 BMA E . -15.86 24.59 10.13
C6 BMA E . -17.23 24.32 10.73
O2 BMA E . -13.30 22.39 8.78
O3 BMA E . -14.19 24.01 6.78
O4 BMA E . -16.69 24.89 7.88
O5 BMA E . -14.89 23.83 10.88
O6 BMA E . -17.33 24.97 11.98
C1 GOL F . 22.49 25.62 21.25
O1 GOL F . 21.54 25.60 20.22
C2 GOL F . 22.60 24.19 21.87
O2 GOL F . 22.58 23.16 20.92
C3 GOL F . 23.92 24.23 22.75
O3 GOL F . 23.82 25.28 23.68
#